data_3W99
#
_entry.id   3W99
#
_cell.length_a   105.704
_cell.length_b   109.292
_cell.length_c   175.719
_cell.angle_alpha   90.00
_cell.angle_beta   90.00
_cell.angle_gamma   90.00
#
_symmetry.space_group_name_H-M   'P 21 21 21'
#
loop_
_entity.id
_entity.type
_entity.pdbx_description
1 polymer 'Histone H3.1'
2 polymer 'Histone H4'
3 polymer 'Histone H2A type 1-B/E'
4 polymer 'Histone H2B type 1-J'
5 polymer '146-mer DNA'
6 non-polymer 'MANGANESE (II) ION'
#
loop_
_entity_poly.entity_id
_entity_poly.type
_entity_poly.pdbx_seq_one_letter_code
_entity_poly.pdbx_strand_id
1 'polypeptide(L)'
;GSHMARTKQTARKSTGGKAPRKQLATKAARKSAPATGGVKKPHRYRPGTVALREIRRYQKSTELLIRKLPFQRLVREIAQ
DFKTDLRFQSSAVMALQEACEAYLVGLFEDTNLCAIHAKRVTIMPKDIQLARRIRGERA
;
A,E
2 'polypeptide(L)'
;GSHMVDLQAAANSLVIHMKRHRKVLRDNIQGITKPAIRRLARRGGVKRISGLIYEETRGVLKVFLENVIRDAVTYTEHAK
RKTVTAMDVVYALKRQGRTLYGFGG
;
B,F
3 'polypeptide(L)'
;GSHMSGRGKQGGKARAKAKTRSSRAGLQFPVGRVHRLLRKGNYSERVGAGAPVYLAAVLEYLTAEILELAGNAARDNKKT
RIIPRHLQLAIRNDEELNKLLGRVTIAQGGVLPNIQAVLLPKKTESHHKAKGK
;
C,G
4 'polypeptide(L)'
;GSHMPEPAKSAPAPKKGSKKAVTKAQKKDGKKRKRSRKESYSIYVYKVLKQVHPDTGISSKAMGIMNSFVNDIFERIAGE
ASRLAHYNKRSTITSREIQTAVRLLLPGELAKHAVSEGTKAVTKYTSAK
;
D,H
5 'polydeoxyribonucleotide'
;(DA)(DT)(DC)(DA)(DA)(DT)(DA)(DT)(DC)(DC)(DA)(DC)(DC)(DT)(DG)(DC)(DA)(DG)(DA)(DT)
(DT)(DC)(DT)(DA)(DC)(DC)(DA)(DA)(DA)(DA)(DG)(DT)(DG)(DT)(DA)(DT)(DT)(DT)(DG)(DG)
(DA)(DA)(DA)(DC)(DT)(DG)(DC)(DT)(DC)(DC)(DA)(DT)(DC)(DA)(DA)(DA)(DA)(DG)(DG)(DC)
(DA)(DT)(DG)(DT)(DT)(DC)(DA)(DG)(DC)(DT)(DG)(DA)(DA)(DT)(DT)(DC)(DA)(DG)(DC)(DT)
(DG)(DA)(DA)(DC)(DA)(DT)(DG)(DC)(DC)(DT)(DT)(DT)(DT)(DG)(DA)(DT)(DG)(DG)(DA)(DG)
(DC)(DA)(DG)(DT)(DT)(DT)(DC)(DC)(DA)(DA)(DA)(DT)(DA)(DC)(DA)(DC)(DT)(DT)(DT)(DT)
(DG)(DG)(DT)(DA)(DG)(DA)(DA)(DT)(DC)(DT)(DG)(DC)(DA)(DG)(DG)(DT)(DG)(DG)(DA)(DT)
(DA)(DT)(DT)(DG)(DA)(DT)
;
I,J
#
loop_
_chem_comp.id
_chem_comp.type
_chem_comp.name
_chem_comp.formula
DA DNA linking 2'-DEOXYADENOSINE-5'-MONOPHOSPHATE 'C10 H14 N5 O6 P'
DC DNA linking 2'-DEOXYCYTIDINE-5'-MONOPHOSPHATE 'C9 H14 N3 O7 P'
DG DNA linking 2'-DEOXYGUANOSINE-5'-MONOPHOSPHATE 'C10 H14 N5 O7 P'
DT DNA linking THYMIDINE-5'-MONOPHOSPHATE 'C10 H15 N2 O8 P'
MN non-polymer 'MANGANESE (II) ION' 'Mn 2'
#
# COMPACT_ATOMS: atom_id res chain seq x y z
N PRO A 42 -1.55 -55.68 6.38
CA PRO A 42 -1.04 -54.43 5.75
C PRO A 42 -2.03 -53.27 5.90
N HIS A 43 -1.76 -52.38 6.86
CA HIS A 43 -2.63 -51.23 7.10
C HIS A 43 -2.12 -50.00 6.38
N ARG A 44 -2.94 -49.48 5.48
CA ARG A 44 -2.61 -48.33 4.66
C ARG A 44 -3.70 -47.26 4.77
N TYR A 45 -3.30 -46.03 5.08
CA TYR A 45 -4.26 -44.93 5.18
C TYR A 45 -4.61 -44.50 3.77
N ARG A 46 -5.90 -44.37 3.50
CA ARG A 46 -6.37 -43.94 2.17
C ARG A 46 -5.53 -42.73 1.80
N PRO A 47 -5.37 -42.47 0.49
CA PRO A 47 -4.57 -41.33 0.06
C PRO A 47 -5.32 -40.02 0.36
N GLY A 48 -4.65 -39.11 1.08
CA GLY A 48 -5.28 -37.85 1.40
C GLY A 48 -5.78 -37.77 2.83
N THR A 49 -5.70 -38.87 3.56
CA THR A 49 -6.15 -38.87 4.94
C THR A 49 -5.09 -38.23 5.81
N VAL A 50 -3.84 -38.51 5.48
CA VAL A 50 -2.73 -37.95 6.23
C VAL A 50 -2.72 -36.44 6.05
N ALA A 51 -2.76 -36.00 4.79
CA ALA A 51 -2.75 -34.59 4.44
C ALA A 51 -3.57 -33.76 5.43
N LEU A 52 -4.86 -34.08 5.55
CA LEU A 52 -5.76 -33.39 6.48
C LEU A 52 -5.16 -33.39 7.88
N ARG A 53 -4.65 -34.55 8.28
CA ARG A 53 -4.04 -34.69 9.61
C ARG A 53 -2.79 -33.83 9.68
N GLU A 54 -2.11 -33.66 8.55
CA GLU A 54 -0.90 -32.84 8.50
C GLU A 54 -1.31 -31.37 8.56
N ILE A 55 -2.40 -31.02 7.90
CA ILE A 55 -2.88 -29.64 7.93
C ILE A 55 -3.25 -29.36 9.37
N ARG A 56 -4.08 -30.22 9.96
CA ARG A 56 -4.49 -29.98 11.32
C ARG A 56 -3.29 -29.87 12.24
N ARG A 57 -2.25 -30.64 11.94
CA ARG A 57 -1.02 -30.63 12.74
C ARG A 57 -0.30 -29.30 12.62
N TYR A 58 0.10 -28.96 11.40
CA TYR A 58 0.85 -27.74 11.12
C TYR A 58 0.12 -26.43 11.38
N GLN A 59 -1.19 -26.40 11.20
CA GLN A 59 -1.91 -25.16 11.45
C GLN A 59 -2.01 -24.93 12.95
N LYS A 60 -2.00 -26.01 13.72
CA LYS A 60 -2.08 -25.92 15.17
C LYS A 60 -0.78 -25.42 15.77
N SER A 61 0.31 -25.52 15.01
CA SER A 61 1.62 -25.09 15.50
C SER A 61 2.10 -23.76 14.92
N THR A 62 3.20 -23.22 15.46
CA THR A 62 3.75 -21.95 15.01
C THR A 62 5.23 -22.01 14.65
N GLU A 63 5.93 -23.04 15.12
CA GLU A 63 7.36 -23.17 14.86
C GLU A 63 7.62 -22.96 13.36
N LEU A 64 8.84 -22.59 13.02
CA LEU A 64 9.16 -22.39 11.61
C LEU A 64 9.11 -23.75 10.93
N LEU A 65 8.97 -23.75 9.61
CA LEU A 65 8.90 -25.01 8.90
C LEU A 65 10.20 -25.30 8.16
N ILE A 66 10.68 -24.37 7.34
CA ILE A 66 11.93 -24.56 6.60
C ILE A 66 13.10 -24.82 7.55
N ARG A 67 13.98 -25.75 7.16
CA ARG A 67 15.17 -26.10 7.95
C ARG A 67 16.07 -24.87 8.01
N LYS A 68 16.40 -24.44 9.22
CA LYS A 68 17.22 -23.26 9.41
C LYS A 68 18.55 -23.11 8.65
N LEU A 69 19.42 -24.10 8.72
CA LEU A 69 20.71 -23.96 8.04
C LEU A 69 20.65 -23.72 6.53
N PRO A 70 19.88 -24.55 5.80
CA PRO A 70 19.78 -24.36 4.34
C PRO A 70 19.31 -22.95 4.01
N PHE A 71 18.41 -22.44 4.84
CA PHE A 71 17.86 -21.10 4.69
C PHE A 71 18.95 -20.06 4.88
N GLN A 72 19.45 -19.96 6.11
CA GLN A 72 20.51 -18.99 6.43
C GLN A 72 21.56 -18.99 5.34
N ARG A 73 21.81 -20.16 4.76
CA ARG A 73 22.78 -20.29 3.70
C ARG A 73 22.27 -19.49 2.52
N LEU A 74 21.00 -19.73 2.16
CA LEU A 74 20.36 -19.05 1.04
C LEU A 74 20.43 -17.55 1.21
N VAL A 75 20.21 -17.11 2.44
CA VAL A 75 20.27 -15.70 2.78
C VAL A 75 21.64 -15.15 2.42
N ARG A 76 22.66 -15.65 3.11
CA ARG A 76 24.02 -15.23 2.87
C ARG A 76 24.35 -15.23 1.38
N GLU A 77 24.11 -16.36 0.70
CA GLU A 77 24.40 -16.42 -0.74
C GLU A 77 23.84 -15.23 -1.46
N ILE A 78 22.53 -15.06 -1.36
CA ILE A 78 21.85 -13.95 -2.02
C ILE A 78 22.47 -12.62 -1.67
N ALA A 79 22.51 -12.31 -0.38
CA ALA A 79 23.08 -11.05 0.09
C ALA A 79 24.48 -10.80 -0.47
N GLN A 80 25.21 -11.87 -0.74
CA GLN A 80 26.55 -11.68 -1.26
C GLN A 80 26.52 -11.19 -2.70
N ASP A 81 25.40 -11.41 -3.39
CA ASP A 81 25.27 -10.95 -4.77
C ASP A 81 25.10 -9.45 -4.77
N PHE A 82 24.87 -8.88 -3.58
CA PHE A 82 24.69 -7.45 -3.43
C PHE A 82 25.85 -6.79 -2.71
N LYS A 83 26.46 -7.50 -1.76
CA LYS A 83 27.58 -6.97 -1.00
C LYS A 83 28.52 -8.10 -0.54
N THR A 84 29.78 -7.75 -0.26
CA THR A 84 30.76 -8.73 0.16
C THR A 84 31.17 -8.58 1.63
N ASP A 85 31.67 -9.68 2.20
CA ASP A 85 32.08 -9.73 3.62
C ASP A 85 30.94 -9.18 4.46
N LEU A 86 29.75 -9.74 4.24
CA LEU A 86 28.56 -9.32 4.97
C LEU A 86 28.33 -10.20 6.17
N ARG A 87 27.85 -9.59 7.25
CA ARG A 87 27.60 -10.34 8.46
C ARG A 87 26.16 -10.13 8.96
N PHE A 88 25.34 -11.16 8.87
CA PHE A 88 23.98 -11.06 9.34
C PHE A 88 23.95 -11.28 10.83
N GLN A 89 23.44 -10.32 11.59
CA GLN A 89 23.38 -10.54 13.02
C GLN A 89 22.29 -11.59 13.26
N SER A 90 22.65 -12.69 13.91
CA SER A 90 21.75 -13.81 14.20
C SER A 90 20.25 -13.53 14.02
N SER A 91 19.72 -12.54 14.73
CA SER A 91 18.30 -12.21 14.64
C SER A 91 17.83 -11.74 13.27
N ALA A 92 18.70 -11.05 12.54
CA ALA A 92 18.35 -10.55 11.22
C ALA A 92 17.87 -11.71 10.36
N VAL A 93 18.56 -12.83 10.45
CA VAL A 93 18.19 -13.99 9.65
C VAL A 93 16.90 -14.61 10.17
N MET A 94 16.55 -14.35 11.43
CA MET A 94 15.32 -14.90 11.93
C MET A 94 14.20 -14.05 11.38
N ALA A 95 14.42 -12.74 11.35
CA ALA A 95 13.44 -11.79 10.82
C ALA A 95 13.10 -12.21 9.39
N LEU A 96 14.13 -12.48 8.61
CA LEU A 96 13.93 -12.90 7.24
C LEU A 96 13.13 -14.21 7.14
N GLN A 97 13.45 -15.20 7.97
CA GLN A 97 12.73 -16.47 7.90
C GLN A 97 11.27 -16.33 8.27
N GLU A 98 11.00 -15.69 9.40
CA GLU A 98 9.63 -15.48 9.83
C GLU A 98 8.89 -14.80 8.71
N ALA A 99 9.50 -13.74 8.18
CA ALA A 99 8.92 -12.96 7.09
C ALA A 99 8.67 -13.84 5.88
N CYS A 100 9.76 -14.32 5.31
CA CYS A 100 9.73 -15.17 4.14
C CYS A 100 8.77 -16.35 4.27
N GLU A 101 8.92 -17.14 5.32
CA GLU A 101 8.01 -18.28 5.48
C GLU A 101 6.58 -17.84 5.57
N ALA A 102 6.30 -16.83 6.39
CA ALA A 102 4.93 -16.33 6.57
C ALA A 102 4.30 -15.85 5.26
N TYR A 103 5.13 -15.34 4.35
CA TYR A 103 4.64 -14.88 3.06
C TYR A 103 4.21 -16.06 2.22
N LEU A 104 5.12 -17.02 2.07
CA LEU A 104 4.87 -18.22 1.28
C LEU A 104 3.55 -18.85 1.69
N VAL A 105 3.29 -18.91 2.98
CA VAL A 105 2.06 -19.50 3.47
C VAL A 105 0.85 -18.74 2.92
N GLY A 106 0.83 -17.42 3.11
CA GLY A 106 -0.26 -16.61 2.60
C GLY A 106 -0.46 -16.89 1.13
N LEU A 107 0.62 -16.83 0.36
CA LEU A 107 0.52 -17.14 -1.06
C LEU A 107 -0.17 -18.48 -1.27
N PHE A 108 0.23 -19.50 -0.52
CA PHE A 108 -0.40 -20.81 -0.66
C PHE A 108 -1.89 -20.78 -0.37
N GLU A 109 -2.30 -20.05 0.66
CA GLU A 109 -3.73 -19.97 0.97
C GLU A 109 -4.47 -19.38 -0.22
N ASP A 110 -3.89 -18.36 -0.86
CA ASP A 110 -4.52 -17.76 -2.03
C ASP A 110 -4.47 -18.71 -3.21
N THR A 111 -3.38 -19.48 -3.33
CA THR A 111 -3.27 -20.40 -4.44
C THR A 111 -4.28 -21.52 -4.30
N ASN A 112 -4.68 -21.81 -3.07
CA ASN A 112 -5.64 -22.88 -2.85
C ASN A 112 -6.94 -22.45 -3.50
N LEU A 113 -7.43 -21.29 -3.05
CA LEU A 113 -8.66 -20.72 -3.57
C LEU A 113 -8.59 -20.71 -5.10
N CYS A 114 -7.45 -20.34 -5.65
CA CYS A 114 -7.33 -20.34 -7.11
C CYS A 114 -7.55 -21.74 -7.66
N ALA A 115 -6.88 -22.72 -7.06
CA ALA A 115 -7.01 -24.11 -7.49
C ALA A 115 -8.44 -24.56 -7.28
N ILE A 116 -9.00 -24.19 -6.14
CA ILE A 116 -10.38 -24.57 -5.87
C ILE A 116 -11.31 -23.94 -6.90
N HIS A 117 -11.11 -22.66 -7.19
CA HIS A 117 -11.93 -21.92 -8.14
C HIS A 117 -12.05 -22.58 -9.51
N ALA A 118 -10.98 -23.25 -9.95
CA ALA A 118 -10.99 -23.93 -11.26
C ALA A 118 -11.56 -25.34 -11.13
N LYS A 119 -12.28 -25.57 -10.03
CA LYS A 119 -12.89 -26.86 -9.76
C LYS A 119 -11.91 -27.95 -9.33
N ARG A 120 -10.61 -27.64 -9.34
CA ARG A 120 -9.59 -28.62 -8.94
C ARG A 120 -9.40 -28.67 -7.43
N VAL A 121 -8.38 -29.39 -6.99
CA VAL A 121 -8.05 -29.52 -5.57
C VAL A 121 -6.56 -29.81 -5.38
N THR A 122 -5.80 -29.62 -6.44
CA THR A 122 -4.37 -29.85 -6.42
C THR A 122 -3.69 -28.55 -6.81
N ILE A 123 -3.14 -27.82 -5.85
CA ILE A 123 -2.49 -26.55 -6.22
C ILE A 123 -1.51 -26.83 -7.35
N MET A 124 -1.60 -26.04 -8.41
CA MET A 124 -0.75 -26.17 -9.59
C MET A 124 0.07 -24.89 -9.71
N PRO A 125 1.13 -24.90 -10.52
CA PRO A 125 1.92 -23.68 -10.65
C PRO A 125 1.10 -22.51 -11.23
N LYS A 126 0.18 -22.84 -12.13
CA LYS A 126 -0.64 -21.81 -12.75
C LYS A 126 -1.40 -21.04 -11.66
N ASP A 127 -1.99 -21.76 -10.72
CA ASP A 127 -2.73 -21.14 -9.63
C ASP A 127 -1.87 -20.12 -8.89
N ILE A 128 -0.63 -20.49 -8.59
CA ILE A 128 0.28 -19.59 -7.90
C ILE A 128 0.45 -18.32 -8.74
N GLN A 129 0.65 -18.51 -10.03
CA GLN A 129 0.82 -17.38 -10.94
C GLN A 129 -0.41 -16.44 -10.89
N LEU A 130 -1.61 -16.99 -11.05
CA LEU A 130 -2.81 -16.17 -10.97
C LEU A 130 -2.71 -15.39 -9.66
N ALA A 131 -2.80 -16.10 -8.54
CA ALA A 131 -2.72 -15.49 -7.21
C ALA A 131 -1.73 -14.33 -7.15
N ARG A 132 -0.54 -14.52 -7.71
CA ARG A 132 0.44 -13.45 -7.67
C ARG A 132 0.09 -12.34 -8.62
N ARG A 133 -0.42 -12.68 -9.81
CA ARG A 133 -0.80 -11.65 -10.78
C ARG A 133 -1.88 -10.74 -10.18
N ILE A 134 -2.94 -11.33 -9.63
CA ILE A 134 -4.03 -10.56 -9.03
C ILE A 134 -3.53 -9.69 -7.89
N ARG A 135 -2.57 -10.23 -7.15
CA ARG A 135 -1.98 -9.56 -5.99
C ARG A 135 -1.22 -8.30 -6.34
N GLY A 136 -0.68 -8.24 -7.54
CA GLY A 136 0.07 -7.08 -7.95
C GLY A 136 1.57 -7.31 -7.86
N GLU A 137 1.95 -8.57 -7.67
CA GLU A 137 3.35 -8.92 -7.58
C GLU A 137 3.95 -9.12 -8.96
N ARG A 138 3.20 -9.73 -9.87
CA ARG A 138 3.70 -9.99 -11.22
C ARG A 138 2.88 -9.20 -12.24
N ASN B 28 22.18 -23.94 -4.19
CA ASN B 28 22.10 -23.35 -2.83
C ASN B 28 20.64 -23.18 -2.42
N ILE B 29 19.83 -22.71 -3.37
CA ILE B 29 18.40 -22.50 -3.16
C ILE B 29 17.70 -23.85 -3.04
N GLN B 30 18.22 -24.85 -3.75
CA GLN B 30 17.65 -26.20 -3.74
C GLN B 30 17.71 -26.77 -2.32
N GLY B 31 18.20 -25.96 -1.39
CA GLY B 31 18.29 -26.36 0.00
C GLY B 31 16.90 -26.37 0.61
N ILE B 32 16.02 -25.57 0.03
CA ILE B 32 14.64 -25.48 0.48
C ILE B 32 13.94 -26.76 -0.01
N THR B 33 14.21 -27.85 0.73
CA THR B 33 13.69 -29.17 0.44
C THR B 33 12.19 -29.27 0.13
N LYS B 34 11.85 -30.12 -0.84
CA LYS B 34 10.47 -30.32 -1.23
C LYS B 34 9.54 -30.60 -0.04
N PRO B 35 9.98 -31.43 0.92
CA PRO B 35 9.15 -31.73 2.08
C PRO B 35 8.79 -30.49 2.89
N ALA B 36 9.71 -29.54 2.96
CA ALA B 36 9.45 -28.31 3.70
C ALA B 36 8.35 -27.52 3.00
N ILE B 37 8.53 -27.33 1.70
CA ILE B 37 7.55 -26.62 0.90
C ILE B 37 6.17 -27.21 1.13
N ARG B 38 6.08 -28.54 1.19
CA ARG B 38 4.78 -29.17 1.42
C ARG B 38 4.27 -28.75 2.79
N ARG B 39 5.18 -28.70 3.76
CA ARG B 39 4.78 -28.31 5.10
C ARG B 39 4.21 -26.92 5.11
N LEU B 40 4.86 -26.02 4.39
CA LEU B 40 4.40 -24.64 4.29
C LEU B 40 3.00 -24.61 3.66
N ALA B 41 2.84 -25.35 2.56
CA ALA B 41 1.56 -25.41 1.87
C ALA B 41 0.50 -26.07 2.76
N ARG B 42 0.94 -26.99 3.60
CA ARG B 42 0.02 -27.68 4.50
C ARG B 42 -0.62 -26.66 5.44
N ARG B 43 0.20 -25.76 5.96
CA ARG B 43 -0.25 -24.73 6.87
C ARG B 43 -1.17 -23.78 6.11
N GLY B 44 -0.93 -23.71 4.80
CA GLY B 44 -1.73 -22.84 3.96
C GLY B 44 -3.08 -23.42 3.65
N GLY B 45 -3.35 -24.61 4.17
CA GLY B 45 -4.63 -25.25 3.94
C GLY B 45 -4.65 -26.13 2.71
N VAL B 46 -3.49 -26.32 2.08
CA VAL B 46 -3.36 -27.15 0.88
C VAL B 46 -3.48 -28.63 1.23
N LYS B 47 -4.19 -29.37 0.37
CA LYS B 47 -4.39 -30.80 0.57
C LYS B 47 -3.60 -31.65 -0.43
N ARG B 48 -3.65 -31.29 -1.70
CA ARG B 48 -2.95 -32.03 -2.74
C ARG B 48 -2.00 -31.10 -3.45
N ILE B 49 -0.73 -31.50 -3.60
CA ILE B 49 0.27 -30.65 -4.23
C ILE B 49 0.86 -31.19 -5.53
N SER B 50 0.73 -30.43 -6.61
CA SER B 50 1.30 -30.83 -7.89
C SER B 50 2.81 -30.99 -7.75
N GLY B 51 3.43 -31.61 -8.73
CA GLY B 51 4.87 -31.83 -8.68
C GLY B 51 5.70 -30.65 -9.11
N LEU B 52 5.22 -29.90 -10.09
CA LEU B 52 5.96 -28.74 -10.58
C LEU B 52 6.06 -27.62 -9.55
N ILE B 53 5.04 -27.52 -8.71
CA ILE B 53 4.98 -26.53 -7.64
C ILE B 53 6.33 -26.23 -7.05
N TYR B 54 6.93 -27.25 -6.43
CA TYR B 54 8.23 -27.13 -5.76
C TYR B 54 9.22 -26.21 -6.46
N GLU B 55 9.41 -26.38 -7.77
CA GLU B 55 10.34 -25.52 -8.49
C GLU B 55 9.78 -24.10 -8.46
N GLU B 56 8.50 -23.97 -8.82
CA GLU B 56 7.84 -22.67 -8.82
C GLU B 56 8.01 -21.98 -7.46
N THR B 57 7.70 -22.70 -6.39
CA THR B 57 7.82 -22.14 -5.04
C THR B 57 9.21 -21.65 -4.74
N ARG B 58 10.23 -22.33 -5.24
CA ARG B 58 11.60 -21.91 -4.99
C ARG B 58 11.86 -20.59 -5.71
N GLY B 59 11.25 -20.43 -6.89
CA GLY B 59 11.44 -19.22 -7.65
C GLY B 59 10.85 -18.02 -6.92
N VAL B 60 9.59 -18.14 -6.54
CA VAL B 60 8.89 -17.09 -5.82
C VAL B 60 9.67 -16.75 -4.55
N LEU B 61 9.95 -17.79 -3.76
CA LEU B 61 10.70 -17.67 -2.51
C LEU B 61 12.03 -16.95 -2.73
N LYS B 62 12.72 -17.30 -3.80
CA LYS B 62 13.98 -16.65 -4.08
C LYS B 62 13.74 -15.19 -4.36
N VAL B 63 12.83 -14.88 -5.29
CA VAL B 63 12.53 -13.49 -5.62
C VAL B 63 12.14 -12.69 -4.38
N PHE B 64 11.38 -13.30 -3.49
CA PHE B 64 11.02 -12.59 -2.27
C PHE B 64 12.32 -12.15 -1.58
N LEU B 65 13.08 -13.11 -1.06
CA LEU B 65 14.33 -12.81 -0.37
C LEU B 65 15.25 -11.87 -1.15
N GLU B 66 15.33 -12.07 -2.46
CA GLU B 66 16.17 -11.25 -3.31
C GLU B 66 15.73 -9.79 -3.20
N ASN B 67 14.42 -9.58 -3.13
CA ASN B 67 13.89 -8.22 -3.02
C ASN B 67 14.02 -7.66 -1.63
N VAL B 68 13.68 -8.45 -0.62
CA VAL B 68 13.76 -7.97 0.75
C VAL B 68 15.19 -7.69 1.22
N ILE B 69 16.15 -8.50 0.79
CA ILE B 69 17.53 -8.26 1.21
C ILE B 69 18.13 -7.05 0.50
N ARG B 70 17.94 -6.97 -0.82
CA ARG B 70 18.47 -5.86 -1.60
C ARG B 70 18.18 -4.52 -0.94
N ASP B 71 16.93 -4.34 -0.52
CA ASP B 71 16.53 -3.11 0.14
C ASP B 71 17.16 -3.07 1.53
N ALA B 72 17.36 -4.25 2.12
CA ALA B 72 17.95 -4.33 3.45
C ALA B 72 19.41 -3.92 3.44
N VAL B 73 20.21 -4.60 2.62
CA VAL B 73 21.62 -4.27 2.54
C VAL B 73 21.80 -2.79 2.20
N THR B 74 21.01 -2.27 1.26
CA THR B 74 21.11 -0.86 0.89
C THR B 74 21.03 0.00 2.15
N TYR B 75 20.09 -0.35 3.03
CA TYR B 75 19.90 0.34 4.29
C TYR B 75 21.13 0.14 5.14
N THR B 76 21.72 -1.05 5.04
CA THR B 76 22.93 -1.36 5.78
C THR B 76 24.02 -0.43 5.26
N GLU B 77 24.46 -0.67 4.03
CA GLU B 77 25.50 0.14 3.41
C GLU B 77 25.40 1.60 3.79
N HIS B 78 24.23 2.19 3.62
CA HIS B 78 24.05 3.59 3.94
C HIS B 78 24.49 3.93 5.36
N ALA B 79 24.31 2.99 6.28
CA ALA B 79 24.73 3.22 7.66
C ALA B 79 26.22 2.89 7.82
N LYS B 80 26.90 2.73 6.69
CA LYS B 80 28.32 2.42 6.67
C LYS B 80 28.68 1.11 7.36
N ARG B 81 27.67 0.38 7.83
CA ARG B 81 27.93 -0.88 8.50
C ARG B 81 28.40 -1.96 7.52
N LYS B 82 28.81 -3.09 8.08
CA LYS B 82 29.25 -4.25 7.31
C LYS B 82 28.38 -5.40 7.81
N THR B 83 27.78 -5.17 8.98
CA THR B 83 26.93 -6.15 9.62
C THR B 83 25.44 -5.77 9.48
N VAL B 84 24.67 -6.66 8.87
CA VAL B 84 23.24 -6.44 8.66
C VAL B 84 22.42 -6.75 9.90
N THR B 85 21.97 -5.70 10.59
CA THR B 85 21.19 -5.85 11.81
C THR B 85 19.75 -6.21 11.47
N ALA B 86 18.97 -6.62 12.46
CA ALA B 86 17.58 -6.99 12.22
C ALA B 86 16.74 -5.80 11.75
N MET B 87 16.96 -4.64 12.35
CA MET B 87 16.21 -3.45 11.96
C MET B 87 16.30 -3.17 10.46
N ASP B 88 17.40 -3.60 9.85
CA ASP B 88 17.60 -3.39 8.42
C ASP B 88 16.61 -4.26 7.65
N VAL B 89 16.33 -5.43 8.18
CA VAL B 89 15.40 -6.35 7.53
C VAL B 89 14.00 -5.84 7.79
N VAL B 90 13.77 -5.36 9.00
CA VAL B 90 12.46 -4.84 9.37
C VAL B 90 12.09 -3.64 8.51
N TYR B 91 13.03 -2.70 8.36
CA TYR B 91 12.75 -1.54 7.53
C TYR B 91 12.49 -1.98 6.10
N ALA B 92 13.31 -2.90 5.60
CA ALA B 92 13.13 -3.39 4.24
C ALA B 92 11.79 -4.11 4.07
N LEU B 93 11.37 -4.83 5.11
CA LEU B 93 10.10 -5.53 5.03
C LEU B 93 8.94 -4.54 5.04
N LYS B 94 9.18 -3.33 5.51
CA LYS B 94 8.11 -2.34 5.54
C LYS B 94 7.91 -1.70 4.17
N ARG B 95 9.01 -1.40 3.48
CA ARG B 95 8.91 -0.80 2.15
C ARG B 95 8.16 -1.74 1.23
N GLN B 96 8.35 -3.04 1.45
CA GLN B 96 7.70 -4.06 0.65
C GLN B 96 6.26 -4.25 1.10
N GLY B 97 5.88 -3.54 2.17
CA GLY B 97 4.54 -3.67 2.69
C GLY B 97 4.31 -5.01 3.38
N ARG B 98 5.41 -5.63 3.80
CA ARG B 98 5.37 -6.92 4.49
C ARG B 98 5.71 -6.74 5.97
N THR B 99 5.32 -5.61 6.56
CA THR B 99 5.60 -5.29 7.97
C THR B 99 5.67 -6.47 8.93
N LEU B 100 6.72 -6.49 9.74
CA LEU B 100 6.94 -7.57 10.69
C LEU B 100 6.96 -7.07 12.13
N TYR B 101 6.23 -7.75 13.02
CA TYR B 101 6.19 -7.36 14.43
C TYR B 101 7.06 -8.25 15.31
N GLY B 102 7.50 -7.72 16.44
CA GLY B 102 8.30 -8.50 17.37
C GLY B 102 9.79 -8.60 17.13
N PHE B 103 10.33 -7.77 16.24
CA PHE B 103 11.75 -7.79 15.96
C PHE B 103 12.38 -6.41 16.10
N GLY B 104 11.74 -5.57 16.91
CA GLY B 104 12.26 -4.24 17.14
C GLY B 104 13.23 -4.35 18.32
N GLY B 105 13.05 -5.40 19.11
CA GLY B 105 13.91 -5.64 20.26
C GLY B 105 15.38 -5.44 19.96
N ALA C 18 23.40 36.45 -10.31
CA ALA C 18 22.90 36.01 -11.65
C ALA C 18 22.89 34.49 -11.73
N LYS C 19 23.81 33.86 -11.00
CA LYS C 19 23.90 32.42 -10.99
C LYS C 19 22.81 31.78 -10.13
N THR C 20 21.67 31.50 -10.73
CA THR C 20 20.59 30.84 -10.00
C THR C 20 21.13 29.45 -9.74
N ARG C 21 20.94 28.93 -8.53
CA ARG C 21 21.47 27.60 -8.21
C ARG C 21 21.22 26.52 -9.25
N SER C 22 20.12 26.65 -9.99
CA SER C 22 19.79 25.67 -11.02
C SER C 22 20.77 25.72 -12.17
N SER C 23 21.15 26.92 -12.58
CA SER C 23 22.08 27.11 -13.67
C SER C 23 23.49 26.63 -13.31
N ARG C 24 23.86 26.73 -12.04
CA ARG C 24 25.17 26.28 -11.59
C ARG C 24 25.28 24.77 -11.75
N ALA C 25 24.16 24.07 -11.56
CA ALA C 25 24.13 22.61 -11.68
C ALA C 25 23.77 22.21 -13.10
N GLY C 26 23.43 23.19 -13.92
CA GLY C 26 23.07 22.92 -15.30
C GLY C 26 21.73 22.19 -15.34
N LEU C 27 20.85 22.49 -14.39
CA LEU C 27 19.55 21.84 -14.33
C LEU C 27 18.42 22.74 -14.82
N GLN C 28 17.39 22.11 -15.37
CA GLN C 28 16.22 22.84 -15.85
C GLN C 28 15.16 23.08 -14.79
N PHE C 29 15.14 22.23 -13.76
CA PHE C 29 14.19 22.35 -12.67
C PHE C 29 14.69 23.34 -11.64
N PRO C 30 13.76 24.01 -10.93
CA PRO C 30 14.06 25.02 -9.90
C PRO C 30 14.72 24.44 -8.66
N VAL C 31 16.05 24.45 -8.63
CA VAL C 31 16.80 23.90 -7.51
C VAL C 31 16.46 24.59 -6.20
N GLY C 32 16.23 25.89 -6.27
CA GLY C 32 15.90 26.64 -5.07
C GLY C 32 14.52 26.30 -4.57
N ARG C 33 13.61 26.11 -5.52
CA ARG C 33 12.23 25.76 -5.21
C ARG C 33 12.29 24.48 -4.37
N VAL C 34 12.99 23.48 -4.89
CA VAL C 34 13.13 22.19 -4.23
C VAL C 34 13.74 22.32 -2.83
N HIS C 35 14.83 23.09 -2.71
CA HIS C 35 15.46 23.26 -1.40
C HIS C 35 14.40 23.68 -0.37
N ARG C 36 13.65 24.72 -0.70
CA ARG C 36 12.61 25.21 0.21
C ARG C 36 11.57 24.16 0.57
N LEU C 37 11.04 23.46 -0.43
CA LEU C 37 10.04 22.45 -0.15
C LEU C 37 10.56 21.47 0.87
N LEU C 38 11.83 21.11 0.75
CA LEU C 38 12.43 20.17 1.69
C LEU C 38 12.44 20.79 3.09
N ARG C 39 12.91 22.03 3.20
CA ARG C 39 12.93 22.68 4.51
C ARG C 39 11.54 22.73 5.14
N LYS C 40 10.56 23.23 4.39
CA LYS C 40 9.18 23.36 4.89
C LYS C 40 8.34 22.09 4.83
N GLY C 41 8.97 20.96 4.50
CA GLY C 41 8.21 19.72 4.43
C GLY C 41 8.34 18.93 5.71
N ASN C 42 9.28 19.34 6.55
CA ASN C 42 9.52 18.66 7.81
C ASN C 42 10.01 17.25 7.56
N TYR C 43 10.98 17.11 6.67
CA TYR C 43 11.54 15.79 6.40
C TYR C 43 12.72 15.63 7.34
N SER C 44 13.35 16.76 7.67
CA SER C 44 14.50 16.79 8.58
C SER C 44 14.70 18.19 9.15
N GLU C 45 15.34 18.28 10.30
CA GLU C 45 15.59 19.57 10.92
C GLU C 45 16.38 20.49 9.99
N ARG C 46 17.34 19.92 9.27
CA ARG C 46 18.12 20.72 8.33
C ARG C 46 18.42 19.99 7.03
N VAL C 47 18.67 20.77 5.99
CA VAL C 47 18.92 20.22 4.66
C VAL C 47 20.27 20.63 4.09
N GLY C 48 21.02 19.63 3.60
CA GLY C 48 22.32 19.90 3.01
C GLY C 48 22.17 20.87 1.86
N ALA C 49 23.28 21.34 1.31
CA ALA C 49 23.25 22.29 0.21
C ALA C 49 23.16 21.65 -1.16
N GLY C 50 23.40 20.34 -1.22
CA GLY C 50 23.37 19.64 -2.50
C GLY C 50 22.13 18.81 -2.71
N ALA C 51 21.50 18.38 -1.63
CA ALA C 51 20.30 17.56 -1.75
C ALA C 51 19.36 18.16 -2.79
N PRO C 52 18.81 19.36 -2.53
CA PRO C 52 17.89 19.97 -3.48
C PRO C 52 18.37 19.92 -4.93
N VAL C 53 19.67 20.02 -5.12
CA VAL C 53 20.26 19.96 -6.46
C VAL C 53 20.19 18.52 -6.96
N TYR C 54 20.59 17.58 -6.11
CA TYR C 54 20.59 16.17 -6.46
C TYR C 54 19.19 15.69 -6.83
N LEU C 55 18.24 15.99 -5.96
CA LEU C 55 16.86 15.61 -6.14
C LEU C 55 16.23 16.32 -7.34
N ALA C 56 16.44 17.63 -7.43
CA ALA C 56 15.91 18.43 -8.54
C ALA C 56 16.30 17.84 -9.88
N ALA C 57 17.45 17.16 -9.89
CA ALA C 57 17.96 16.53 -11.11
C ALA C 57 17.25 15.21 -11.37
N VAL C 58 16.87 14.51 -10.31
CA VAL C 58 16.17 13.25 -10.44
C VAL C 58 14.74 13.48 -10.92
N LEU C 59 14.13 14.56 -10.46
CA LEU C 59 12.77 14.89 -10.90
C LEU C 59 12.86 15.31 -12.37
N GLU C 60 13.96 15.98 -12.71
CA GLU C 60 14.18 16.40 -14.10
C GLU C 60 14.34 15.14 -14.95
N TYR C 61 15.31 14.31 -14.62
CA TYR C 61 15.52 13.09 -15.37
C TYR C 61 14.23 12.28 -15.54
N LEU C 62 13.58 11.96 -14.42
CA LEU C 62 12.34 11.21 -14.47
C LEU C 62 11.34 11.91 -15.36
N THR C 63 11.17 13.22 -15.17
CA THR C 63 10.25 13.98 -16.03
C THR C 63 10.64 13.83 -17.49
N ALA C 64 11.90 14.11 -17.80
CA ALA C 64 12.41 13.99 -19.16
C ALA C 64 12.17 12.60 -19.73
N GLU C 65 12.18 11.61 -18.86
CA GLU C 65 11.99 10.23 -19.27
C GLU C 65 10.56 9.94 -19.72
N ILE C 66 9.59 10.55 -19.04
CA ILE C 66 8.20 10.35 -19.39
C ILE C 66 7.79 11.12 -20.65
N LEU C 67 8.34 12.33 -20.80
CA LEU C 67 8.03 13.17 -21.95
C LEU C 67 8.62 12.52 -23.19
N GLU C 68 9.77 11.89 -23.00
CA GLU C 68 10.44 11.22 -24.08
C GLU C 68 9.50 10.20 -24.70
N LEU C 69 9.00 9.29 -23.88
CA LEU C 69 8.12 8.24 -24.35
C LEU C 69 6.73 8.74 -24.71
N ALA C 70 6.30 9.83 -24.06
CA ALA C 70 4.98 10.39 -24.35
C ALA C 70 5.01 11.04 -25.72
N GLY C 71 5.94 11.98 -25.90
CA GLY C 71 6.07 12.67 -27.17
C GLY C 71 6.00 11.69 -28.32
N ASN C 72 6.72 10.58 -28.19
CA ASN C 72 6.72 9.56 -29.21
C ASN C 72 5.32 9.00 -29.36
N ALA C 73 4.73 8.60 -28.25
CA ALA C 73 3.40 8.02 -28.29
C ALA C 73 2.45 8.94 -29.06
N ALA C 74 2.67 10.24 -28.93
CA ALA C 74 1.86 11.24 -29.61
C ALA C 74 2.25 11.33 -31.08
N ARG C 75 3.47 10.88 -31.39
CA ARG C 75 3.97 10.88 -32.77
C ARG C 75 3.29 9.74 -33.51
N ASP C 76 3.34 8.56 -32.90
CA ASP C 76 2.75 7.36 -33.48
C ASP C 76 1.29 7.66 -33.87
N ASN C 77 0.57 8.24 -32.92
CA ASN C 77 -0.85 8.57 -33.10
C ASN C 77 -1.11 9.71 -34.09
N LYS C 78 -0.07 10.36 -34.57
CA LYS C 78 -0.19 11.46 -35.54
C LYS C 78 -0.63 12.79 -34.91
N LYS C 79 -0.40 12.94 -33.61
CA LYS C 79 -0.76 14.15 -32.90
C LYS C 79 0.50 14.94 -32.56
N THR C 80 0.40 16.27 -32.56
CA THR C 80 1.56 17.10 -32.23
C THR C 80 1.45 17.61 -30.79
N ARG C 81 0.36 17.23 -30.12
CA ARG C 81 0.13 17.66 -28.74
C ARG C 81 -0.12 16.45 -27.82
N ILE C 82 0.75 16.28 -26.84
CA ILE C 82 0.66 15.21 -25.87
C ILE C 82 -0.59 15.38 -25.02
N ILE C 83 -1.42 14.34 -24.95
CA ILE C 83 -2.62 14.38 -24.13
C ILE C 83 -2.38 13.37 -23.03
N PRO C 84 -3.32 13.22 -22.10
CA PRO C 84 -3.03 12.23 -21.06
C PRO C 84 -2.84 10.83 -21.63
N ARG C 85 -3.82 10.38 -22.40
CA ARG C 85 -3.77 9.05 -23.00
C ARG C 85 -2.36 8.67 -23.36
N HIS C 86 -1.71 9.50 -24.16
CA HIS C 86 -0.33 9.22 -24.55
C HIS C 86 0.48 8.92 -23.29
N LEU C 87 0.40 9.82 -22.32
CA LEU C 87 1.12 9.63 -21.06
C LEU C 87 0.88 8.21 -20.54
N GLN C 88 -0.38 7.77 -20.57
CA GLN C 88 -0.73 6.43 -20.10
C GLN C 88 -0.03 5.36 -20.93
N LEU C 89 -0.24 5.43 -22.24
CA LEU C 89 0.40 4.47 -23.13
C LEU C 89 1.89 4.39 -22.85
N ALA C 90 2.50 5.53 -22.54
CA ALA C 90 3.92 5.59 -22.26
C ALA C 90 4.28 4.78 -21.02
N ILE C 91 3.71 5.18 -19.89
CA ILE C 91 3.98 4.56 -18.61
C ILE C 91 3.63 3.08 -18.52
N ARG C 92 2.57 2.66 -19.20
CA ARG C 92 2.19 1.26 -19.13
C ARG C 92 2.90 0.40 -20.14
N ASN C 93 3.81 0.98 -20.92
CA ASN C 93 4.54 0.19 -21.92
C ASN C 93 6.02 0.05 -21.56
N ASP C 94 6.51 0.93 -20.69
CA ASP C 94 7.89 0.83 -20.24
C ASP C 94 7.78 0.12 -18.89
N GLU C 95 8.26 -1.12 -18.83
CA GLU C 95 8.19 -1.91 -17.61
C GLU C 95 8.45 -1.13 -16.33
N GLU C 96 9.61 -0.47 -16.25
CA GLU C 96 9.97 0.27 -15.06
C GLU C 96 9.00 1.38 -14.63
N LEU C 97 8.65 2.29 -15.54
CA LEU C 97 7.70 3.36 -15.18
C LEU C 97 6.40 2.72 -14.75
N ASN C 98 6.02 1.66 -15.46
CA ASN C 98 4.80 0.95 -15.12
C ASN C 98 4.83 0.59 -13.64
N LYS C 99 5.95 0.06 -13.17
CA LYS C 99 6.09 -0.32 -11.77
C LYS C 99 6.20 0.87 -10.84
N LEU C 100 6.94 1.90 -11.27
CA LEU C 100 7.09 3.09 -10.43
C LEU C 100 5.75 3.77 -10.24
N LEU C 101 4.85 3.58 -11.18
CA LEU C 101 3.52 4.18 -11.10
C LEU C 101 2.50 3.05 -11.16
N GLY C 102 2.77 1.99 -10.39
CA GLY C 102 1.89 0.84 -10.38
C GLY C 102 0.58 1.07 -9.68
N ARG C 103 0.60 1.83 -8.59
CA ARG C 103 -0.64 2.11 -7.87
C ARG C 103 -1.17 3.51 -8.20
N VAL C 104 -0.70 4.06 -9.33
CA VAL C 104 -1.08 5.39 -9.80
C VAL C 104 -2.15 5.28 -10.89
N THR C 105 -3.18 6.11 -10.77
CA THR C 105 -4.29 6.13 -11.74
C THR C 105 -4.21 7.42 -12.53
N ILE C 106 -4.18 7.33 -13.85
CA ILE C 106 -4.11 8.55 -14.67
C ILE C 106 -5.44 9.00 -15.26
N ALA C 107 -5.96 10.11 -14.75
CA ALA C 107 -7.23 10.63 -15.23
C ALA C 107 -7.26 10.78 -16.76
N GLN C 108 -8.30 10.26 -17.39
CA GLN C 108 -8.48 10.31 -18.84
C GLN C 108 -7.44 9.50 -19.59
N GLY C 109 -6.78 8.59 -18.87
CA GLY C 109 -5.74 7.78 -19.48
C GLY C 109 -6.15 6.55 -20.25
N GLY C 110 -7.26 5.93 -19.88
CA GLY C 110 -7.69 4.73 -20.58
C GLY C 110 -6.75 3.59 -20.25
N VAL C 111 -6.87 2.47 -20.96
CA VAL C 111 -6.00 1.33 -20.69
C VAL C 111 -5.38 0.77 -21.94
N LEU C 112 -4.22 0.13 -21.79
CA LEU C 112 -3.55 -0.47 -22.93
C LEU C 112 -4.48 -1.48 -23.59
N PRO C 113 -4.56 -1.46 -24.93
CA PRO C 113 -5.42 -2.41 -25.64
C PRO C 113 -4.91 -3.80 -25.36
N ASN C 114 -5.80 -4.70 -24.97
CA ASN C 114 -5.40 -6.07 -24.69
C ASN C 114 -6.60 -7.01 -24.54
N ILE C 115 -6.64 -8.01 -25.40
CA ILE C 115 -7.72 -9.00 -25.40
C ILE C 115 -7.20 -10.40 -25.18
N GLN C 116 -7.57 -11.02 -24.07
CA GLN C 116 -7.15 -12.38 -23.77
C GLN C 116 -7.30 -13.26 -25.01
N ALA C 117 -6.28 -14.08 -25.28
CA ALA C 117 -6.26 -14.95 -26.45
C ALA C 117 -7.50 -15.82 -26.60
N VAL C 118 -7.85 -16.53 -25.53
CA VAL C 118 -9.00 -17.41 -25.56
C VAL C 118 -10.26 -16.75 -26.10
N LEU C 119 -10.42 -15.47 -25.79
CA LEU C 119 -11.60 -14.73 -26.22
C LEU C 119 -11.75 -14.59 -27.73
N LEU C 120 -10.64 -14.38 -28.41
CA LEU C 120 -10.65 -14.21 -29.86
C LEU C 120 -11.39 -15.35 -30.56
N PRO C 121 -11.85 -15.13 -31.79
CA PRO C 121 -12.57 -16.13 -32.58
C PRO C 121 -11.76 -17.37 -32.93
N LYS C 122 -12.44 -18.51 -33.02
CA LYS C 122 -11.81 -19.78 -33.35
C LYS C 122 -10.91 -19.68 -34.59
N LYS D 34 -5.57 39.47 -2.37
CA LYS D 34 -6.65 39.49 -3.39
C LYS D 34 -6.15 38.90 -4.69
N ARG D 35 -5.11 38.07 -4.61
CA ARG D 35 -4.53 37.44 -5.79
C ARG D 35 -4.50 35.91 -5.69
N SER D 36 -3.60 35.40 -4.86
CA SER D 36 -3.45 33.96 -4.64
C SER D 36 -2.66 33.29 -5.75
N ARG D 37 -1.34 33.43 -5.72
CA ARG D 37 -0.50 32.80 -6.74
C ARG D 37 -0.16 31.38 -6.33
N LYS D 38 -0.70 30.41 -7.06
CA LYS D 38 -0.44 29.01 -6.77
C LYS D 38 0.67 28.56 -7.71
N GLU D 39 1.70 27.92 -7.16
CA GLU D 39 2.82 27.47 -7.98
C GLU D 39 2.70 26.03 -8.49
N SER D 40 3.49 25.72 -9.51
CA SER D 40 3.51 24.41 -10.13
C SER D 40 4.86 24.25 -10.85
N TYR D 41 5.01 23.17 -11.60
CA TYR D 41 6.26 22.90 -12.32
C TYR D 41 6.10 23.09 -13.82
N SER D 42 4.94 23.56 -14.25
CA SER D 42 4.67 23.75 -15.67
C SER D 42 5.80 24.39 -16.45
N ILE D 43 6.32 25.49 -15.94
CA ILE D 43 7.41 26.17 -16.60
C ILE D 43 8.57 25.19 -16.86
N TYR D 44 8.89 24.39 -15.86
CA TYR D 44 9.99 23.43 -15.96
C TYR D 44 9.63 22.20 -16.77
N VAL D 45 8.43 21.70 -16.60
CA VAL D 45 7.99 20.54 -17.37
C VAL D 45 8.06 20.90 -18.84
N TYR D 46 7.67 22.13 -19.15
CA TYR D 46 7.66 22.62 -20.52
C TYR D 46 9.07 22.85 -21.10
N LYS D 47 9.99 23.35 -20.27
CA LYS D 47 11.35 23.58 -20.77
C LYS D 47 11.97 22.24 -21.12
N VAL D 48 11.55 21.20 -20.43
CA VAL D 48 12.09 19.88 -20.68
C VAL D 48 11.43 19.24 -21.88
N LEU D 49 10.14 19.44 -22.05
CA LEU D 49 9.44 18.84 -23.19
C LEU D 49 10.06 19.37 -24.47
N LYS D 50 10.45 20.64 -24.45
CA LYS D 50 11.03 21.23 -25.62
C LYS D 50 12.46 20.79 -25.93
N GLN D 51 13.15 20.22 -24.94
CA GLN D 51 14.50 19.72 -25.15
C GLN D 51 14.43 18.36 -25.82
N VAL D 52 13.40 17.59 -25.49
CA VAL D 52 13.25 16.25 -26.05
C VAL D 52 12.46 16.22 -27.36
N HIS D 53 11.44 17.05 -27.45
CA HIS D 53 10.60 17.16 -28.65
C HIS D 53 10.37 18.63 -28.96
N PRO D 54 11.19 19.22 -29.84
CA PRO D 54 11.00 20.63 -30.15
C PRO D 54 9.68 20.95 -30.83
N ASP D 55 9.12 19.97 -31.53
CA ASP D 55 7.87 20.18 -32.25
C ASP D 55 6.62 19.77 -31.48
N THR D 56 6.81 19.06 -30.37
CA THR D 56 5.66 18.59 -29.59
C THR D 56 5.17 19.59 -28.55
N GLY D 57 3.90 19.48 -28.18
CA GLY D 57 3.32 20.35 -27.18
C GLY D 57 2.54 19.54 -26.16
N ILE D 58 2.07 20.19 -25.10
CA ILE D 58 1.32 19.47 -24.07
C ILE D 58 0.09 20.25 -23.61
N SER D 59 -1.08 19.60 -23.65
CA SER D 59 -2.34 20.21 -23.26
C SER D 59 -2.48 20.47 -21.77
N SER D 60 -3.57 21.15 -21.40
CA SER D 60 -3.84 21.51 -20.00
C SER D 60 -3.80 20.34 -19.04
N LYS D 61 -4.70 19.37 -19.26
CA LYS D 61 -4.78 18.17 -18.44
C LYS D 61 -3.40 17.52 -18.39
N ALA D 62 -2.87 17.21 -19.55
CA ALA D 62 -1.55 16.61 -19.67
C ALA D 62 -0.56 17.23 -18.69
N MET D 63 -0.50 18.56 -18.69
CA MET D 63 0.41 19.25 -17.81
C MET D 63 0.06 18.90 -16.36
N GLY D 64 -1.22 19.01 -16.03
CA GLY D 64 -1.68 18.70 -14.68
C GLY D 64 -1.32 17.29 -14.24
N ILE D 65 -1.24 16.38 -15.19
CA ILE D 65 -0.85 15.01 -14.87
C ILE D 65 0.62 15.09 -14.48
N MET D 66 1.43 15.63 -15.37
CA MET D 66 2.86 15.75 -15.11
C MET D 66 3.13 16.51 -13.80
N ASN D 67 2.28 17.47 -13.46
CA ASN D 67 2.52 18.21 -12.25
C ASN D 67 2.36 17.27 -11.07
N SER D 68 1.35 16.41 -11.13
CA SER D 68 1.13 15.45 -10.07
C SER D 68 2.32 14.49 -9.93
N PHE D 69 2.75 13.94 -11.07
CA PHE D 69 3.86 13.01 -11.10
C PHE D 69 5.08 13.57 -10.39
N VAL D 70 5.49 14.76 -10.75
CA VAL D 70 6.64 15.35 -10.08
C VAL D 70 6.40 15.42 -8.58
N ASN D 71 5.27 16.00 -8.20
CA ASN D 71 4.94 16.13 -6.78
C ASN D 71 4.97 14.79 -6.06
N ASP D 72 4.28 13.80 -6.61
CA ASP D 72 4.28 12.49 -5.97
C ASP D 72 5.72 12.04 -5.76
N ILE D 73 6.44 11.81 -6.86
CA ILE D 73 7.82 11.39 -6.80
C ILE D 73 8.60 12.22 -5.80
N PHE D 74 8.45 13.54 -5.84
CA PHE D 74 9.16 14.38 -4.89
C PHE D 74 8.84 13.94 -3.48
N GLU D 75 7.56 13.74 -3.20
CA GLU D 75 7.13 13.34 -1.87
C GLU D 75 7.66 11.97 -1.46
N ARG D 76 7.88 11.10 -2.42
CA ARG D 76 8.38 9.77 -2.12
C ARG D 76 9.86 9.84 -1.77
N ILE D 77 10.64 10.48 -2.63
CA ILE D 77 12.08 10.62 -2.42
C ILE D 77 12.31 11.31 -1.08
N ALA D 78 11.81 12.53 -0.94
CA ALA D 78 11.98 13.30 0.27
C ALA D 78 11.46 12.58 1.50
N GLY D 79 10.43 11.74 1.31
CA GLY D 79 9.90 11.01 2.44
C GLY D 79 10.83 9.91 2.88
N GLU D 80 11.33 9.15 1.90
CA GLU D 80 12.25 8.05 2.17
C GLU D 80 13.51 8.59 2.81
N ALA D 81 14.08 9.61 2.19
CA ALA D 81 15.28 10.23 2.73
C ALA D 81 14.96 10.62 4.17
N SER D 82 13.83 11.26 4.35
CA SER D 82 13.41 11.68 5.68
C SER D 82 13.53 10.51 6.67
N ARG D 83 13.09 9.32 6.25
CA ARG D 83 13.15 8.14 7.12
C ARG D 83 14.57 7.61 7.34
N LEU D 84 15.44 7.66 6.31
CA LEU D 84 16.81 7.17 6.47
C LEU D 84 17.58 7.95 7.53
N ALA D 85 17.54 9.27 7.42
CA ALA D 85 18.23 10.10 8.38
C ALA D 85 17.79 9.75 9.80
N HIS D 86 16.54 9.39 9.99
CA HIS D 86 16.05 9.06 11.33
C HIS D 86 16.53 7.66 11.73
N TYR D 87 16.42 6.70 10.82
CA TYR D 87 16.86 5.35 11.12
C TYR D 87 18.31 5.37 11.56
N ASN D 88 19.01 6.46 11.23
CA ASN D 88 20.42 6.64 11.58
C ASN D 88 20.68 7.78 12.57
N LYS D 89 19.62 8.27 13.19
CA LYS D 89 19.74 9.34 14.17
C LYS D 89 20.62 10.48 13.68
N ARG D 90 20.38 10.96 12.46
CA ARG D 90 21.15 12.07 11.89
C ARG D 90 20.18 13.17 11.47
N SER D 91 20.21 14.28 12.20
CA SER D 91 19.33 15.42 11.99
C SER D 91 19.29 16.10 10.62
N THR D 92 20.17 15.73 9.70
CA THR D 92 20.16 16.38 8.41
C THR D 92 20.04 15.47 7.21
N ILE D 93 19.37 15.98 6.17
CA ILE D 93 19.18 15.24 4.93
C ILE D 93 20.23 15.72 3.93
N THR D 94 21.29 14.94 3.77
CA THR D 94 22.34 15.28 2.84
C THR D 94 21.98 14.67 1.50
N SER D 95 22.61 15.12 0.44
CA SER D 95 22.32 14.56 -0.87
C SER D 95 22.63 13.05 -0.84
N ARG D 96 23.53 12.63 0.04
CA ARG D 96 23.86 11.22 0.11
C ARG D 96 22.62 10.42 0.52
N GLU D 97 21.71 11.05 1.26
CA GLU D 97 20.48 10.35 1.65
C GLU D 97 19.56 10.31 0.44
N ILE D 98 19.37 11.45 -0.22
CA ILE D 98 18.52 11.49 -1.40
C ILE D 98 18.90 10.36 -2.36
N GLN D 99 20.20 10.12 -2.51
CA GLN D 99 20.66 9.07 -3.42
C GLN D 99 20.20 7.67 -2.99
N THR D 100 20.31 7.36 -1.69
CA THR D 100 19.87 6.03 -1.27
C THR D 100 18.37 5.97 -1.44
N ALA D 101 17.73 7.11 -1.21
CA ALA D 101 16.29 7.21 -1.37
C ALA D 101 15.94 6.83 -2.81
N VAL D 102 16.73 7.32 -3.75
CA VAL D 102 16.50 7.00 -5.14
C VAL D 102 16.66 5.50 -5.35
N ARG D 103 17.83 4.96 -4.98
CA ARG D 103 18.08 3.53 -5.16
C ARG D 103 16.96 2.65 -4.61
N LEU D 104 16.48 2.98 -3.41
CA LEU D 104 15.41 2.22 -2.78
C LEU D 104 14.10 2.43 -3.50
N LEU D 105 13.83 3.67 -3.87
CA LEU D 105 12.59 4.07 -4.54
C LEU D 105 12.45 3.75 -6.02
N LEU D 106 13.52 4.00 -6.77
CA LEU D 106 13.51 3.76 -8.20
C LEU D 106 13.92 2.34 -8.58
N PRO D 107 13.26 1.79 -9.60
CA PRO D 107 13.56 0.44 -10.07
C PRO D 107 14.43 0.41 -11.31
N GLY D 108 15.33 -0.57 -11.37
CA GLY D 108 16.20 -0.76 -12.52
C GLY D 108 17.05 0.37 -13.06
N GLU D 109 17.19 0.38 -14.37
CA GLU D 109 17.98 1.39 -15.06
C GLU D 109 17.52 2.79 -14.70
N LEU D 110 16.23 2.95 -14.47
CA LEU D 110 15.68 4.24 -14.12
C LEU D 110 16.51 4.82 -12.99
N ALA D 111 16.84 3.94 -12.04
CA ALA D 111 17.65 4.29 -10.88
C ALA D 111 19.06 4.62 -11.30
N LYS D 112 19.66 3.72 -12.08
CA LYS D 112 21.02 3.95 -12.56
C LYS D 112 21.14 5.31 -13.20
N HIS D 113 20.34 5.58 -14.22
CA HIS D 113 20.41 6.89 -14.87
C HIS D 113 20.09 8.04 -13.90
N ALA D 114 19.14 7.82 -12.99
CA ALA D 114 18.81 8.85 -12.02
C ALA D 114 20.06 9.17 -11.20
N VAL D 115 20.54 8.18 -10.46
CA VAL D 115 21.73 8.33 -9.62
C VAL D 115 22.85 9.01 -10.40
N SER D 116 23.04 8.57 -11.64
CA SER D 116 24.06 9.16 -12.49
C SER D 116 23.76 10.64 -12.66
N GLU D 117 22.61 10.94 -13.28
CA GLU D 117 22.20 12.32 -13.50
C GLU D 117 22.27 13.21 -12.27
N GLY D 118 21.91 12.64 -11.12
CA GLY D 118 21.93 13.40 -9.89
C GLY D 118 23.33 13.83 -9.47
N THR D 119 24.28 12.91 -9.60
CA THR D 119 25.65 13.21 -9.24
C THR D 119 26.23 14.28 -10.14
N LYS D 120 26.13 14.09 -11.45
CA LYS D 120 26.65 15.08 -12.39
C LYS D 120 26.24 16.48 -11.96
N ALA D 121 24.96 16.66 -11.66
CA ALA D 121 24.44 17.97 -11.25
C ALA D 121 25.11 18.50 -10.00
N VAL D 122 25.25 17.66 -8.98
CA VAL D 122 25.87 18.09 -7.73
C VAL D 122 27.35 18.38 -7.84
N THR D 123 28.14 17.46 -8.41
CA THR D 123 29.57 17.73 -8.53
C THR D 123 29.74 19.06 -9.25
N LYS D 124 29.04 19.24 -10.37
CA LYS D 124 29.12 20.50 -11.11
C LYS D 124 28.72 21.71 -10.27
N TYR D 125 27.59 21.60 -9.58
CA TYR D 125 27.09 22.69 -8.73
C TYR D 125 28.14 23.21 -7.77
N THR D 126 28.85 22.30 -7.11
CA THR D 126 29.87 22.66 -6.14
C THR D 126 31.06 23.39 -6.78
N SER D 127 31.43 22.98 -7.98
CA SER D 127 32.54 23.59 -8.68
C SER D 127 32.16 24.95 -9.24
N ALA D 128 30.87 25.29 -9.11
CA ALA D 128 30.36 26.57 -9.58
C ALA D 128 30.82 27.65 -8.59
N LYS E 41 -31.68 -9.20 -45.07
CA LYS E 41 -31.34 -10.66 -44.97
C LYS E 41 -32.22 -11.38 -43.95
N PRO E 42 -32.25 -10.90 -42.69
CA PRO E 42 -31.52 -9.76 -42.12
C PRO E 42 -30.13 -10.18 -41.60
N HIS E 43 -29.12 -9.33 -41.82
CA HIS E 43 -27.75 -9.62 -41.37
C HIS E 43 -27.66 -9.66 -39.85
N ARG E 44 -27.10 -10.75 -39.33
CA ARG E 44 -26.97 -10.92 -37.89
C ARG E 44 -25.56 -11.33 -37.50
N TYR E 45 -24.86 -10.47 -36.76
CA TYR E 45 -23.52 -10.80 -36.32
C TYR E 45 -23.65 -11.91 -35.27
N ARG E 46 -22.81 -12.93 -35.37
CA ARG E 46 -22.86 -14.06 -34.43
C ARG E 46 -22.50 -13.56 -33.03
N PRO E 47 -23.08 -14.17 -31.98
CA PRO E 47 -22.80 -13.78 -30.59
C PRO E 47 -21.33 -13.83 -30.20
N GLY E 48 -20.76 -12.66 -29.94
CA GLY E 48 -19.36 -12.58 -29.56
C GLY E 48 -18.67 -11.61 -30.50
N THR E 49 -19.19 -11.50 -31.71
CA THR E 49 -18.61 -10.60 -32.71
C THR E 49 -18.73 -9.16 -32.26
N VAL E 50 -19.92 -8.77 -31.80
CA VAL E 50 -20.07 -7.40 -31.35
C VAL E 50 -19.37 -7.19 -30.02
N ALA E 51 -19.40 -8.20 -29.16
CA ALA E 51 -18.76 -8.09 -27.85
C ALA E 51 -17.28 -7.75 -28.01
N LEU E 52 -16.61 -8.43 -28.92
CA LEU E 52 -15.20 -8.17 -29.15
C LEU E 52 -15.06 -6.78 -29.78
N ARG E 53 -15.94 -6.47 -30.71
CA ARG E 53 -15.90 -5.17 -31.37
C ARG E 53 -15.87 -4.10 -30.28
N GLU E 54 -16.81 -4.19 -29.35
CA GLU E 54 -16.87 -3.25 -28.24
C GLU E 54 -15.55 -3.23 -27.47
N ILE E 55 -15.15 -4.39 -26.93
CA ILE E 55 -13.87 -4.50 -26.19
C ILE E 55 -12.75 -3.72 -26.88
N ARG E 56 -12.69 -3.79 -28.21
CA ARG E 56 -11.66 -3.06 -28.93
C ARG E 56 -11.99 -1.57 -28.91
N ARG E 57 -13.24 -1.24 -29.23
CA ARG E 57 -13.68 0.15 -29.25
C ARG E 57 -13.49 0.89 -27.93
N TYR E 58 -13.98 0.30 -26.85
CA TYR E 58 -13.87 0.96 -25.56
C TYR E 58 -12.48 0.97 -24.94
N GLN E 59 -11.53 0.25 -25.53
CA GLN E 59 -10.17 0.26 -24.99
C GLN E 59 -9.34 1.29 -25.75
N LYS E 60 -9.70 1.55 -27.00
CA LYS E 60 -9.00 2.52 -27.82
C LYS E 60 -9.30 3.96 -27.37
N SER E 61 -10.40 4.15 -26.63
CA SER E 61 -10.79 5.48 -26.15
C SER E 61 -10.61 5.68 -24.65
N THR E 62 -10.86 6.88 -24.17
CA THR E 62 -10.71 7.19 -22.74
C THR E 62 -11.84 8.04 -22.13
N GLU E 63 -13.03 7.98 -22.72
CA GLU E 63 -14.14 8.75 -22.19
C GLU E 63 -14.80 7.98 -21.07
N LEU E 64 -15.35 8.70 -20.09
CA LEU E 64 -16.04 8.05 -18.98
C LEU E 64 -17.19 7.19 -19.50
N LEU E 65 -17.39 6.02 -18.91
CA LEU E 65 -18.43 5.11 -19.36
C LEU E 65 -19.74 5.16 -18.58
N ILE E 66 -19.69 5.78 -17.40
CA ILE E 66 -20.90 5.93 -16.61
C ILE E 66 -21.43 7.32 -16.97
N ARG E 67 -22.74 7.49 -17.02
CA ARG E 67 -23.27 8.79 -17.39
C ARG E 67 -23.01 9.76 -16.24
N LYS E 68 -22.50 10.93 -16.58
CA LYS E 68 -22.17 11.93 -15.57
C LYS E 68 -23.22 12.30 -14.53
N LEU E 69 -24.49 12.43 -14.93
CA LEU E 69 -25.50 12.83 -13.95
C LEU E 69 -25.81 11.77 -12.90
N PRO E 70 -26.32 10.60 -13.31
CA PRO E 70 -26.63 9.55 -12.35
C PRO E 70 -25.48 9.33 -11.34
N PHE E 71 -24.25 9.51 -11.80
CA PHE E 71 -23.13 9.32 -10.88
C PHE E 71 -23.16 10.43 -9.86
N GLN E 72 -23.18 11.67 -10.34
CA GLN E 72 -23.21 12.86 -9.49
C GLN E 72 -24.21 12.61 -8.39
N ARG E 73 -25.44 12.38 -8.82
CA ARG E 73 -26.56 12.12 -7.94
C ARG E 73 -26.17 11.06 -6.89
N LEU E 74 -25.78 9.88 -7.37
CA LEU E 74 -25.34 8.77 -6.51
C LEU E 74 -24.34 9.25 -5.44
N VAL E 75 -23.33 10.00 -5.89
CA VAL E 75 -22.33 10.53 -4.99
C VAL E 75 -23.00 11.39 -3.93
N ARG E 76 -23.70 12.43 -4.35
CA ARG E 76 -24.39 13.32 -3.42
C ARG E 76 -25.28 12.57 -2.44
N GLU E 77 -25.93 11.50 -2.91
CA GLU E 77 -26.78 10.70 -2.04
C GLU E 77 -25.91 10.12 -0.92
N ILE E 78 -24.86 9.43 -1.32
CA ILE E 78 -23.95 8.83 -0.35
C ILE E 78 -23.30 9.85 0.59
N ALA E 79 -22.90 10.99 0.05
CA ALA E 79 -22.26 12.00 0.89
C ALA E 79 -23.24 12.65 1.83
N GLN E 80 -24.49 12.68 1.41
CA GLN E 80 -25.54 13.28 2.22
C GLN E 80 -25.77 12.41 3.45
N ASP E 81 -25.47 11.12 3.31
CA ASP E 81 -25.65 10.15 4.39
C ASP E 81 -24.48 10.11 5.37
N PHE E 82 -23.53 11.02 5.17
CA PHE E 82 -22.38 11.10 6.06
C PHE E 82 -22.37 12.47 6.73
N LYS E 83 -22.97 13.44 6.05
CA LYS E 83 -23.07 14.77 6.59
C LYS E 83 -23.99 15.56 5.68
N THR E 84 -25.12 16.01 6.23
CA THR E 84 -26.07 16.78 5.45
C THR E 84 -25.49 18.14 5.10
N ASP E 85 -26.14 18.86 4.20
CA ASP E 85 -25.69 20.19 3.79
C ASP E 85 -24.24 20.28 3.35
N LEU E 86 -23.90 19.51 2.33
CA LEU E 86 -22.55 19.48 1.76
C LEU E 86 -22.60 20.05 0.37
N ARG E 87 -21.51 20.70 -0.04
CA ARG E 87 -21.44 21.24 -1.39
C ARG E 87 -20.23 20.63 -2.04
N PHE E 88 -20.38 20.18 -3.27
CA PHE E 88 -19.28 19.55 -3.99
C PHE E 88 -18.64 20.38 -5.08
N GLN E 89 -17.32 20.52 -5.04
CA GLN E 89 -16.64 21.23 -6.10
C GLN E 89 -16.89 20.44 -7.38
N SER E 90 -17.27 21.12 -8.45
CA SER E 90 -17.56 20.44 -9.71
C SER E 90 -16.55 19.36 -10.04
N SER E 91 -15.27 19.63 -9.80
CA SER E 91 -14.22 18.65 -10.11
C SER E 91 -14.10 17.52 -9.08
N ALA E 92 -14.40 17.80 -7.81
CA ALA E 92 -14.31 16.78 -6.78
C ALA E 92 -15.11 15.58 -7.23
N VAL E 93 -16.22 15.86 -7.91
CA VAL E 93 -17.04 14.78 -8.42
C VAL E 93 -16.35 14.11 -9.61
N MET E 94 -15.73 14.89 -10.48
CA MET E 94 -15.05 14.30 -11.62
C MET E 94 -14.03 13.30 -11.11
N ALA E 95 -13.31 13.69 -10.06
CA ALA E 95 -12.29 12.84 -9.44
C ALA E 95 -12.88 11.50 -9.03
N LEU E 96 -13.85 11.56 -8.12
CA LEU E 96 -14.47 10.32 -7.67
C LEU E 96 -14.79 9.43 -8.87
N GLN E 97 -15.46 10.00 -9.87
CA GLN E 97 -15.83 9.25 -11.06
C GLN E 97 -14.63 8.76 -11.85
N GLU E 98 -13.58 9.57 -11.93
CA GLU E 98 -12.41 9.15 -12.66
C GLU E 98 -11.82 7.95 -11.96
N ALA E 99 -11.86 7.99 -10.63
CA ALA E 99 -11.32 6.89 -9.83
C ALA E 99 -12.24 5.67 -9.86
N CYS E 100 -13.51 5.84 -9.49
CA CYS E 100 -14.47 4.72 -9.49
C CYS E 100 -14.39 3.93 -10.78
N GLU E 101 -14.46 4.65 -11.89
CA GLU E 101 -14.41 4.00 -13.18
C GLU E 101 -13.08 3.33 -13.47
N ALA E 102 -11.99 3.89 -12.96
CA ALA E 102 -10.69 3.26 -13.18
C ALA E 102 -10.65 2.00 -12.33
N TYR E 103 -11.16 2.13 -11.10
CA TYR E 103 -11.19 1.03 -10.16
C TYR E 103 -11.90 -0.19 -10.72
N LEU E 104 -13.13 0.03 -11.20
CA LEU E 104 -13.93 -1.06 -11.73
C LEU E 104 -13.37 -1.66 -13.01
N VAL E 105 -12.84 -0.80 -13.88
CA VAL E 105 -12.29 -1.35 -15.11
C VAL E 105 -11.14 -2.24 -14.69
N GLY E 106 -10.42 -1.80 -13.67
CA GLY E 106 -9.31 -2.59 -13.17
C GLY E 106 -9.76 -3.87 -12.47
N LEU E 107 -10.92 -3.82 -11.83
CA LEU E 107 -11.44 -4.99 -11.16
C LEU E 107 -11.88 -6.01 -12.20
N PHE E 108 -12.56 -5.56 -13.24
CA PHE E 108 -13.01 -6.46 -14.28
C PHE E 108 -11.91 -7.29 -14.92
N GLU E 109 -10.74 -6.70 -15.14
CA GLU E 109 -9.65 -7.48 -15.74
C GLU E 109 -9.31 -8.66 -14.84
N ASP E 110 -8.96 -8.38 -13.59
CA ASP E 110 -8.63 -9.44 -12.65
C ASP E 110 -9.82 -10.42 -12.58
N THR E 111 -11.03 -9.88 -12.70
CA THR E 111 -12.22 -10.69 -12.68
C THR E 111 -12.14 -11.63 -13.89
N ASN E 112 -12.11 -11.04 -15.07
CA ASN E 112 -12.06 -11.77 -16.32
C ASN E 112 -11.00 -12.87 -16.29
N LEU E 113 -9.85 -12.60 -15.67
CA LEU E 113 -8.77 -13.58 -15.57
C LEU E 113 -9.17 -14.81 -14.75
N CYS E 114 -9.95 -14.59 -13.70
CA CYS E 114 -10.40 -15.68 -12.85
C CYS E 114 -11.36 -16.59 -13.58
N ALA E 115 -12.21 -16.03 -14.43
CA ALA E 115 -13.14 -16.84 -15.18
C ALA E 115 -12.32 -17.67 -16.18
N ILE E 116 -11.40 -17.01 -16.89
CA ILE E 116 -10.54 -17.69 -17.85
C ILE E 116 -9.88 -18.84 -17.12
N HIS E 117 -9.46 -18.56 -15.89
CA HIS E 117 -8.78 -19.54 -15.06
C HIS E 117 -9.66 -20.75 -14.73
N ALA E 118 -10.96 -20.54 -14.66
CA ALA E 118 -11.89 -21.62 -14.36
C ALA E 118 -12.44 -22.12 -15.69
N LYS E 119 -11.61 -22.01 -16.73
CA LYS E 119 -11.97 -22.46 -18.06
C LYS E 119 -13.13 -21.70 -18.74
N ARG E 120 -13.91 -20.97 -17.95
CA ARG E 120 -15.04 -20.22 -18.48
C ARG E 120 -14.64 -18.95 -19.24
N VAL E 121 -15.65 -18.30 -19.83
CA VAL E 121 -15.46 -17.07 -20.59
C VAL E 121 -16.45 -16.00 -20.11
N THR E 122 -17.41 -16.43 -19.30
CA THR E 122 -18.42 -15.56 -18.74
C THR E 122 -18.02 -15.16 -17.32
N ILE E 123 -17.81 -13.87 -17.07
CA ILE E 123 -17.46 -13.43 -15.71
C ILE E 123 -18.72 -13.56 -14.87
N MET E 124 -18.58 -14.04 -13.63
CA MET E 124 -19.74 -14.22 -12.75
C MET E 124 -19.45 -13.59 -11.40
N PRO E 125 -20.47 -13.41 -10.54
CA PRO E 125 -20.13 -12.81 -9.25
C PRO E 125 -19.01 -13.58 -8.55
N LYS E 126 -19.06 -14.90 -8.70
CA LYS E 126 -18.07 -15.80 -8.11
C LYS E 126 -16.65 -15.35 -8.46
N ASP E 127 -16.43 -15.00 -9.73
CA ASP E 127 -15.12 -14.55 -10.18
C ASP E 127 -14.73 -13.26 -9.45
N ILE E 128 -15.66 -12.30 -9.40
CA ILE E 128 -15.39 -11.03 -8.74
C ILE E 128 -15.01 -11.26 -7.27
N GLN E 129 -15.77 -12.11 -6.60
CA GLN E 129 -15.50 -12.43 -5.19
C GLN E 129 -14.09 -12.98 -4.95
N LEU E 130 -13.60 -13.82 -5.86
CA LEU E 130 -12.26 -14.36 -5.72
C LEU E 130 -11.25 -13.24 -5.92
N ALA E 131 -11.44 -12.46 -6.97
CA ALA E 131 -10.56 -11.35 -7.30
C ALA E 131 -10.40 -10.39 -6.14
N ARG E 132 -11.48 -10.08 -5.46
CA ARG E 132 -11.36 -9.17 -4.35
C ARG E 132 -10.67 -9.81 -3.17
N ARG E 133 -11.01 -11.07 -2.90
CA ARG E 133 -10.39 -11.79 -1.80
C ARG E 133 -8.88 -11.75 -1.99
N ILE E 134 -8.41 -12.38 -3.06
CA ILE E 134 -6.99 -12.42 -3.36
C ILE E 134 -6.39 -11.05 -3.11
N ARG E 135 -7.05 -10.03 -3.65
CA ARG E 135 -6.66 -8.62 -3.53
C ARG E 135 -6.52 -8.07 -2.11
N GLY E 136 -7.39 -8.52 -1.21
CA GLY E 136 -7.34 -8.04 0.15
C GLY E 136 -8.40 -6.98 0.40
N GLU E 137 -9.37 -6.92 -0.49
CA GLU E 137 -10.41 -5.93 -0.33
C GLU E 137 -11.39 -6.43 0.72
N ARG E 138 -11.40 -7.75 0.90
CA ARG E 138 -12.27 -8.37 1.87
C ARG E 138 -11.91 -9.85 1.99
N ALA E 139 -10.78 -10.11 2.66
CA ALA E 139 -10.30 -11.48 2.85
C ALA E 139 -11.34 -12.34 3.58
N ARG F 22 -34.41 20.91 -1.19
CA ARG F 22 -34.43 20.41 -2.59
C ARG F 22 -35.28 19.15 -2.76
N LYS F 23 -34.64 18.05 -3.17
CA LYS F 23 -35.33 16.78 -3.41
C LYS F 23 -34.72 15.66 -2.58
N VAL F 24 -35.43 14.54 -2.50
CA VAL F 24 -34.98 13.40 -1.73
C VAL F 24 -34.25 12.38 -2.57
N LEU F 25 -32.95 12.26 -2.37
CA LEU F 25 -32.16 11.29 -3.12
C LEU F 25 -32.48 9.88 -2.62
N ARG F 26 -32.72 8.97 -3.56
CA ARG F 26 -33.08 7.60 -3.20
C ARG F 26 -32.78 6.57 -4.27
N ASP F 27 -32.27 5.42 -3.85
CA ASP F 27 -32.02 4.32 -4.77
C ASP F 27 -31.26 4.79 -6.01
N ASN F 28 -30.27 5.67 -5.81
CA ASN F 28 -29.52 6.17 -6.95
C ASN F 28 -28.34 5.30 -7.35
N ILE F 29 -28.14 4.18 -6.65
CA ILE F 29 -27.06 3.28 -7.01
C ILE F 29 -27.52 2.57 -8.27
N GLN F 30 -28.81 2.74 -8.58
CA GLN F 30 -29.41 2.14 -9.77
C GLN F 30 -29.20 3.03 -10.98
N GLY F 31 -28.74 4.26 -10.74
CA GLY F 31 -28.49 5.17 -11.85
C GLY F 31 -27.37 4.58 -12.68
N ILE F 32 -26.62 3.67 -12.07
CA ILE F 32 -25.53 3.01 -12.77
C ILE F 32 -26.14 1.92 -13.62
N THR F 33 -26.59 2.33 -14.79
CA THR F 33 -27.24 1.46 -15.78
C THR F 33 -26.41 0.26 -16.20
N LYS F 34 -27.09 -0.85 -16.50
CA LYS F 34 -26.38 -2.06 -16.93
C LYS F 34 -25.52 -1.82 -18.16
N PRO F 35 -26.08 -1.17 -19.20
CA PRO F 35 -25.26 -0.92 -20.39
C PRO F 35 -23.90 -0.39 -19.99
N ALA F 36 -23.88 0.59 -19.08
CA ALA F 36 -22.63 1.17 -18.64
C ALA F 36 -21.73 0.13 -18.01
N ILE F 37 -22.23 -0.57 -17.01
CA ILE F 37 -21.44 -1.59 -16.34
C ILE F 37 -20.84 -2.50 -17.38
N ARG F 38 -21.60 -2.82 -18.42
CA ARG F 38 -21.06 -3.66 -19.47
C ARG F 38 -19.91 -2.90 -20.11
N ARG F 39 -20.13 -1.61 -20.38
CA ARG F 39 -19.09 -0.80 -20.99
C ARG F 39 -17.82 -0.84 -20.18
N LEU F 40 -17.93 -0.62 -18.89
CA LEU F 40 -16.79 -0.66 -18.00
C LEU F 40 -16.10 -2.02 -18.12
N ALA F 41 -16.90 -3.07 -18.24
CA ALA F 41 -16.38 -4.43 -18.36
C ALA F 41 -15.65 -4.68 -19.70
N ARG F 42 -16.16 -4.09 -20.78
CA ARG F 42 -15.56 -4.27 -22.10
C ARG F 42 -14.18 -3.64 -22.12
N ARG F 43 -14.07 -2.44 -21.55
CA ARG F 43 -12.80 -1.74 -21.50
C ARG F 43 -11.89 -2.62 -20.64
N GLY F 44 -12.52 -3.36 -19.73
CA GLY F 44 -11.76 -4.23 -18.86
C GLY F 44 -11.25 -5.45 -19.60
N GLY F 45 -11.98 -5.86 -20.63
CA GLY F 45 -11.56 -7.01 -21.41
C GLY F 45 -12.63 -8.08 -21.47
N VAL F 46 -13.65 -7.95 -20.64
CA VAL F 46 -14.72 -8.93 -20.59
C VAL F 46 -15.58 -8.97 -21.85
N LYS F 47 -15.78 -10.18 -22.37
CA LYS F 47 -16.57 -10.41 -23.58
C LYS F 47 -17.92 -11.07 -23.31
N ARG F 48 -18.04 -11.72 -22.15
CA ARG F 48 -19.29 -12.40 -21.79
C ARG F 48 -19.57 -12.16 -20.31
N ILE F 49 -20.67 -11.45 -20.04
CA ILE F 49 -21.03 -11.10 -18.68
C ILE F 49 -22.25 -11.84 -18.13
N SER F 50 -22.04 -12.61 -17.06
CA SER F 50 -23.13 -13.33 -16.40
C SER F 50 -24.18 -12.30 -16.03
N GLY F 51 -25.41 -12.77 -15.78
CA GLY F 51 -26.48 -11.84 -15.46
C GLY F 51 -26.49 -11.27 -14.05
N LEU F 52 -25.96 -12.03 -13.11
CA LEU F 52 -25.93 -11.61 -11.71
C LEU F 52 -24.84 -10.58 -11.47
N ILE F 53 -24.00 -10.37 -12.48
CA ILE F 53 -22.90 -9.43 -12.39
C ILE F 53 -23.28 -7.99 -12.06
N TYR F 54 -24.28 -7.46 -12.76
CA TYR F 54 -24.67 -6.08 -12.55
C TYR F 54 -24.97 -5.73 -11.09
N GLU F 55 -25.84 -6.48 -10.43
CA GLU F 55 -26.13 -6.16 -9.04
C GLU F 55 -24.89 -6.32 -8.19
N GLU F 56 -24.00 -7.23 -8.58
CA GLU F 56 -22.78 -7.43 -7.82
C GLU F 56 -21.92 -6.18 -7.94
N THR F 57 -21.69 -5.75 -9.18
CA THR F 57 -20.87 -4.57 -9.43
C THR F 57 -21.37 -3.35 -8.67
N ARG F 58 -22.65 -3.04 -8.78
CA ARG F 58 -23.17 -1.89 -8.04
C ARG F 58 -22.77 -2.03 -6.57
N GLY F 59 -22.82 -3.27 -6.08
CA GLY F 59 -22.45 -3.53 -4.70
C GLY F 59 -21.05 -3.07 -4.36
N VAL F 60 -20.06 -3.48 -5.15
CA VAL F 60 -18.68 -3.10 -4.93
C VAL F 60 -18.51 -1.60 -5.11
N LEU F 61 -19.10 -1.06 -6.19
CA LEU F 61 -19.02 0.36 -6.48
C LEU F 61 -19.53 1.20 -5.34
N LYS F 62 -20.65 0.79 -4.74
CA LYS F 62 -21.20 1.55 -3.63
C LYS F 62 -20.21 1.54 -2.48
N VAL F 63 -19.63 0.38 -2.19
CA VAL F 63 -18.66 0.25 -1.11
C VAL F 63 -17.37 1.02 -1.40
N PHE F 64 -16.83 0.89 -2.60
CA PHE F 64 -15.61 1.61 -2.93
C PHE F 64 -15.89 3.10 -2.74
N LEU F 65 -16.97 3.56 -3.37
CA LEU F 65 -17.34 4.95 -3.29
C LEU F 65 -17.50 5.44 -1.86
N GLU F 66 -18.34 4.77 -1.08
CA GLU F 66 -18.54 5.18 0.31
C GLU F 66 -17.22 5.48 1.01
N ASN F 67 -16.31 4.53 0.98
CA ASN F 67 -15.00 4.69 1.62
C ASN F 67 -14.24 5.92 1.11
N VAL F 68 -14.14 6.06 -0.20
CA VAL F 68 -13.45 7.20 -0.78
C VAL F 68 -14.15 8.51 -0.40
N ILE F 69 -15.47 8.47 -0.37
CA ILE F 69 -16.22 9.66 -0.02
C ILE F 69 -16.10 9.96 1.46
N ARG F 70 -16.39 8.96 2.29
CA ARG F 70 -16.30 9.10 3.75
C ARG F 70 -14.97 9.77 4.15
N ASP F 71 -13.87 9.17 3.71
CA ASP F 71 -12.57 9.72 4.04
C ASP F 71 -12.52 11.16 3.59
N ALA F 72 -12.84 11.38 2.32
CA ALA F 72 -12.85 12.72 1.72
C ALA F 72 -13.54 13.71 2.63
N VAL F 73 -14.82 13.45 2.91
CA VAL F 73 -15.61 14.31 3.77
C VAL F 73 -14.96 14.54 5.12
N THR F 74 -14.20 13.56 5.60
CA THR F 74 -13.51 13.71 6.89
C THR F 74 -12.43 14.80 6.78
N TYR F 75 -11.73 14.83 5.66
CA TYR F 75 -10.73 15.85 5.43
C TYR F 75 -11.46 17.18 5.31
N THR F 76 -12.66 17.15 4.72
CA THR F 76 -13.46 18.36 4.58
C THR F 76 -13.71 18.92 5.97
N GLU F 77 -14.43 18.16 6.78
CA GLU F 77 -14.74 18.59 8.16
C GLU F 77 -13.53 19.12 8.91
N HIS F 78 -12.39 18.45 8.79
CA HIS F 78 -11.22 18.90 9.53
C HIS F 78 -10.78 20.32 9.16
N ALA F 79 -11.04 20.72 7.92
CA ALA F 79 -10.68 22.06 7.46
C ALA F 79 -11.87 22.99 7.70
N LYS F 80 -12.82 22.51 8.50
CA LYS F 80 -14.04 23.23 8.83
C LYS F 80 -14.70 23.90 7.61
N ARG F 81 -14.81 23.15 6.51
CA ARG F 81 -15.41 23.67 5.29
C ARG F 81 -16.65 22.86 4.91
N LYS F 82 -17.62 23.52 4.28
CA LYS F 82 -18.86 22.89 3.84
C LYS F 82 -18.74 22.36 2.40
N THR F 83 -17.64 22.67 1.73
CA THR F 83 -17.44 22.21 0.35
C THR F 83 -16.43 21.06 0.30
N VAL F 84 -16.71 20.08 -0.55
CA VAL F 84 -15.82 18.94 -0.73
C VAL F 84 -14.90 19.36 -1.87
N THR F 85 -13.65 19.67 -1.57
CA THR F 85 -12.73 20.09 -2.62
C THR F 85 -12.15 18.89 -3.33
N ALA F 86 -11.56 19.14 -4.50
CA ALA F 86 -10.97 18.07 -5.29
C ALA F 86 -9.79 17.44 -4.53
N MET F 87 -9.10 18.24 -3.73
CA MET F 87 -7.98 17.71 -2.96
C MET F 87 -8.48 16.75 -1.90
N ASP F 88 -9.65 17.04 -1.35
CA ASP F 88 -10.23 16.19 -0.34
C ASP F 88 -10.42 14.80 -0.91
N VAL F 89 -10.67 14.74 -2.21
CA VAL F 89 -10.84 13.45 -2.86
C VAL F 89 -9.47 12.84 -3.14
N VAL F 90 -8.54 13.64 -3.66
CA VAL F 90 -7.21 13.14 -3.99
C VAL F 90 -6.46 12.60 -2.78
N TYR F 91 -6.62 13.24 -1.63
CA TYR F 91 -5.97 12.78 -0.42
C TYR F 91 -6.63 11.49 0.02
N ALA F 92 -7.96 11.47 -0.06
CA ALA F 92 -8.70 10.28 0.34
C ALA F 92 -8.18 9.13 -0.48
N LEU F 93 -8.29 9.25 -1.79
CA LEU F 93 -7.82 8.18 -2.65
C LEU F 93 -6.40 7.77 -2.25
N LYS F 94 -5.59 8.72 -1.80
CA LYS F 94 -4.21 8.38 -1.43
C LYS F 94 -4.19 7.39 -0.26
N ARG F 95 -4.90 7.70 0.80
CA ARG F 95 -4.93 6.80 1.95
C ARG F 95 -5.35 5.42 1.49
N GLN F 96 -6.36 5.38 0.62
CA GLN F 96 -6.90 4.13 0.12
C GLN F 96 -5.92 3.46 -0.83
N GLY F 97 -4.77 4.09 -1.03
CA GLY F 97 -3.77 3.52 -1.92
C GLY F 97 -4.00 3.85 -3.38
N ARG F 98 -5.26 4.11 -3.74
CA ARG F 98 -5.61 4.44 -5.11
C ARG F 98 -5.15 5.89 -5.47
N THR F 99 -3.85 6.12 -5.63
CA THR F 99 -3.33 7.46 -5.95
C THR F 99 -3.83 8.00 -7.30
N LEU F 100 -4.37 9.21 -7.30
CA LEU F 100 -4.90 9.82 -8.52
C LEU F 100 -4.08 11.00 -9.05
N TYR F 101 -3.80 11.00 -10.35
CA TYR F 101 -3.04 12.08 -11.01
C TYR F 101 -3.94 12.91 -11.93
N GLY F 102 -3.86 14.23 -11.80
CA GLY F 102 -4.62 15.09 -12.68
C GLY F 102 -5.73 15.94 -12.12
N PHE F 103 -5.81 16.05 -10.79
CA PHE F 103 -6.87 16.87 -10.21
C PHE F 103 -6.44 17.80 -9.11
N GLY F 104 -5.21 17.63 -8.63
CA GLY F 104 -4.76 18.51 -7.56
C GLY F 104 -3.26 18.51 -7.49
N GLY F 105 -2.64 18.56 -8.67
CA GLY F 105 -1.19 18.58 -8.72
C GLY F 105 -0.64 17.33 -8.08
N ARG G 21 2.74 13.69 34.69
CA ARG G 21 1.67 14.08 33.72
C ARG G 21 0.72 12.94 33.34
N SER G 22 1.29 11.85 32.84
CA SER G 22 0.48 10.70 32.44
C SER G 22 -0.46 10.33 33.58
N SER G 23 0.07 10.42 34.80
CA SER G 23 -0.68 10.12 36.01
C SER G 23 -1.78 11.17 36.18
N ARG G 24 -1.55 12.36 35.60
CA ARG G 24 -2.51 13.45 35.66
C ARG G 24 -3.63 13.18 34.65
N ALA G 25 -3.28 12.56 33.54
CA ALA G 25 -4.26 12.25 32.51
C ALA G 25 -4.89 10.88 32.80
N GLY G 26 -4.54 10.30 33.95
CA GLY G 26 -5.09 9.02 34.34
C GLY G 26 -4.73 7.89 33.40
N LEU G 27 -3.48 7.89 32.94
CA LEU G 27 -2.98 6.88 32.00
C LEU G 27 -1.70 6.19 32.45
N GLN G 28 -1.40 5.04 31.86
CA GLN G 28 -0.17 4.32 32.17
C GLN G 28 0.89 4.76 31.17
N PHE G 29 0.49 4.85 29.89
CA PHE G 29 1.40 5.28 28.84
C PHE G 29 1.92 6.70 29.05
N PRO G 30 3.24 6.88 28.94
CA PRO G 30 4.00 8.13 29.09
C PRO G 30 3.65 9.27 28.16
N VAL G 31 2.92 10.26 28.68
CA VAL G 31 2.56 11.42 27.88
C VAL G 31 3.81 12.19 27.47
N GLY G 32 4.77 12.29 28.39
CA GLY G 32 5.99 12.99 28.07
C GLY G 32 6.75 12.29 26.98
N ARG G 33 7.02 11.00 27.21
CA ARG G 33 7.74 10.14 26.28
C ARG G 33 7.23 10.40 24.88
N VAL G 34 5.91 10.36 24.75
CA VAL G 34 5.25 10.61 23.47
C VAL G 34 5.52 12.04 23.01
N HIS G 35 5.21 13.02 23.84
CA HIS G 35 5.43 14.42 23.47
C HIS G 35 6.85 14.58 22.94
N ARG G 36 7.80 13.87 23.56
CA ARG G 36 9.18 13.95 23.13
C ARG G 36 9.30 13.32 21.75
N LEU G 37 8.73 12.13 21.58
CA LEU G 37 8.77 11.44 20.31
C LEU G 37 8.10 12.22 19.16
N LEU G 38 7.08 13.00 19.49
CA LEU G 38 6.36 13.78 18.48
C LEU G 38 7.16 15.00 18.03
N ARG G 39 7.65 15.79 18.97
CA ARG G 39 8.43 16.98 18.65
C ARG G 39 9.68 16.62 17.86
N LYS G 40 10.40 15.60 18.33
CA LYS G 40 11.63 15.15 17.68
C LYS G 40 11.35 14.26 16.47
N GLY G 41 10.08 14.00 16.21
CA GLY G 41 9.72 13.11 15.11
C GLY G 41 9.59 13.68 13.70
N ASN G 42 9.74 14.99 13.55
CA ASN G 42 9.63 15.63 12.25
C ASN G 42 8.17 15.72 11.77
N TYR G 43 7.23 15.44 12.65
CA TYR G 43 5.81 15.46 12.28
C TYR G 43 5.22 16.83 11.97
N SER G 44 5.76 17.88 12.57
CA SER G 44 5.28 19.24 12.32
C SER G 44 6.11 20.21 13.14
N GLU G 45 6.02 21.49 12.84
CA GLU G 45 6.80 22.50 13.55
C GLU G 45 6.66 22.47 15.08
N ARG G 46 5.42 22.40 15.55
CA ARG G 46 5.16 22.39 16.98
C ARG G 46 4.04 21.43 17.38
N VAL G 47 4.15 20.87 18.58
CA VAL G 47 3.15 19.94 19.05
C VAL G 47 2.32 20.55 20.17
N GLY G 48 1.01 20.59 19.95
CA GLY G 48 0.11 21.14 20.96
C GLY G 48 0.17 20.40 22.28
N ALA G 49 -0.22 21.09 23.34
CA ALA G 49 -0.21 20.55 24.69
C ALA G 49 -0.97 19.24 24.88
N GLY G 50 -2.20 19.18 24.40
CA GLY G 50 -3.00 17.99 24.59
C GLY G 50 -2.79 16.87 23.59
N ALA G 51 -2.08 17.16 22.51
CA ALA G 51 -1.84 16.16 21.50
C ALA G 51 -1.23 14.90 22.10
N PRO G 52 0.00 15.01 22.64
CA PRO G 52 0.69 13.87 23.24
C PRO G 52 -0.19 13.10 24.21
N VAL G 53 -1.02 13.82 24.94
CA VAL G 53 -1.92 13.19 25.88
C VAL G 53 -2.91 12.32 25.11
N TYR G 54 -3.73 12.97 24.28
CA TYR G 54 -4.72 12.26 23.49
C TYR G 54 -4.14 11.00 22.85
N LEU G 55 -3.08 11.17 22.06
CA LEU G 55 -2.43 10.05 21.38
C LEU G 55 -2.02 8.93 22.35
N ALA G 56 -1.44 9.31 23.49
CA ALA G 56 -0.99 8.36 24.50
C ALA G 56 -2.10 7.43 24.92
N ALA G 57 -3.24 8.02 25.27
CA ALA G 57 -4.41 7.25 25.69
C ALA G 57 -4.90 6.32 24.59
N VAL G 58 -4.83 6.80 23.35
CA VAL G 58 -5.25 6.00 22.21
C VAL G 58 -4.29 4.84 22.07
N LEU G 59 -3.01 5.10 22.39
CA LEU G 59 -1.99 4.04 22.35
C LEU G 59 -2.25 3.04 23.47
N GLU G 60 -2.52 3.55 24.68
CA GLU G 60 -2.82 2.65 25.78
C GLU G 60 -4.02 1.84 25.31
N TYR G 61 -5.20 2.45 25.42
CA TYR G 61 -6.45 1.83 24.98
C TYR G 61 -6.28 0.65 24.03
N LEU G 62 -5.80 0.93 22.82
CA LEU G 62 -5.60 -0.11 21.82
C LEU G 62 -4.90 -1.31 22.41
N THR G 63 -3.84 -1.06 23.18
CA THR G 63 -3.10 -2.14 23.84
C THR G 63 -4.06 -2.99 24.66
N ALA G 64 -4.71 -2.36 25.62
CA ALA G 64 -5.68 -3.04 26.48
C ALA G 64 -6.61 -3.90 25.61
N GLU G 65 -7.06 -3.31 24.51
CA GLU G 65 -7.96 -3.98 23.58
C GLU G 65 -7.38 -5.31 23.10
N ILE G 66 -6.09 -5.34 22.77
CA ILE G 66 -5.44 -6.55 22.28
C ILE G 66 -5.13 -7.52 23.43
N LEU G 67 -4.66 -6.96 24.55
CA LEU G 67 -4.33 -7.78 25.71
C LEU G 67 -5.56 -8.53 26.21
N GLU G 68 -6.64 -7.80 26.47
CA GLU G 68 -7.85 -8.42 26.95
C GLU G 68 -8.27 -9.59 26.09
N LEU G 69 -8.15 -9.44 24.77
CA LEU G 69 -8.55 -10.50 23.86
C LEU G 69 -7.54 -11.61 23.82
N ALA G 70 -6.27 -11.26 23.99
CA ALA G 70 -5.19 -12.25 23.99
C ALA G 70 -5.22 -12.94 25.35
N GLY G 71 -5.46 -12.14 26.39
CA GLY G 71 -5.54 -12.69 27.73
C GLY G 71 -6.47 -13.87 27.64
N ASN G 72 -7.72 -13.62 27.26
CA ASN G 72 -8.71 -14.67 27.10
C ASN G 72 -8.11 -15.83 26.33
N ALA G 73 -7.42 -15.51 25.23
CA ALA G 73 -6.78 -16.54 24.41
C ALA G 73 -5.89 -17.43 25.27
N ALA G 74 -5.22 -16.82 26.24
CA ALA G 74 -4.33 -17.56 27.13
C ALA G 74 -5.13 -18.58 27.93
N ARG G 75 -5.99 -18.07 28.82
CA ARG G 75 -6.83 -18.93 29.64
C ARG G 75 -7.54 -19.93 28.74
N ASP G 76 -7.81 -19.54 27.49
CA ASP G 76 -8.49 -20.40 26.54
C ASP G 76 -7.70 -21.66 26.21
N ASN G 77 -6.39 -21.64 26.42
CA ASN G 77 -5.58 -22.81 26.13
C ASN G 77 -4.95 -23.40 27.40
N LYS G 78 -5.46 -22.97 28.55
CA LYS G 78 -4.98 -23.45 29.85
C LYS G 78 -3.62 -22.90 30.25
N LYS G 79 -3.25 -21.77 29.65
CA LYS G 79 -1.98 -21.12 29.95
C LYS G 79 -2.23 -19.90 30.84
N THR G 80 -1.15 -19.23 31.24
CA THR G 80 -1.25 -18.05 32.09
C THR G 80 -0.20 -17.06 31.62
N ARG G 81 0.42 -17.37 30.48
CA ARG G 81 1.45 -16.53 29.89
C ARG G 81 1.16 -16.27 28.42
N ILE G 82 0.81 -15.02 28.12
CA ILE G 82 0.50 -14.61 26.75
C ILE G 82 1.73 -14.67 25.88
N ILE G 83 1.63 -15.42 24.78
CA ILE G 83 2.75 -15.53 23.85
C ILE G 83 2.26 -15.06 22.49
N PRO G 84 3.14 -15.09 21.47
CA PRO G 84 2.70 -14.65 20.14
C PRO G 84 1.38 -15.27 19.66
N ARG G 85 1.34 -16.58 19.48
CA ARG G 85 0.13 -17.27 19.03
C ARG G 85 -1.13 -16.79 19.76
N HIS G 86 -0.98 -16.32 20.99
CA HIS G 86 -2.12 -15.84 21.75
C HIS G 86 -2.60 -14.51 21.19
N LEU G 87 -1.67 -13.71 20.71
CA LEU G 87 -2.00 -12.43 20.11
C LEU G 87 -2.66 -12.71 18.78
N GLN G 88 -1.95 -13.37 17.87
CA GLN G 88 -2.51 -13.69 16.56
C GLN G 88 -3.90 -14.29 16.66
N LEU G 89 -4.09 -15.19 17.62
CA LEU G 89 -5.40 -15.81 17.79
C LEU G 89 -6.40 -14.79 18.28
N ALA G 90 -5.92 -13.68 18.84
CA ALA G 90 -6.82 -12.64 19.34
C ALA G 90 -7.01 -11.55 18.29
N ILE G 91 -5.99 -11.38 17.45
CA ILE G 91 -6.03 -10.36 16.42
C ILE G 91 -6.77 -10.79 15.16
N ARG G 92 -6.55 -12.02 14.70
CA ARG G 92 -7.22 -12.46 13.48
C ARG G 92 -8.63 -12.96 13.70
N ASN G 93 -9.09 -12.98 14.95
CA ASN G 93 -10.44 -13.43 15.21
C ASN G 93 -11.39 -12.25 15.35
N ASP G 94 -10.83 -11.08 15.63
CA ASP G 94 -11.61 -9.85 15.75
C ASP G 94 -11.52 -9.19 14.39
N GLU G 95 -12.67 -8.90 13.78
CA GLU G 95 -12.66 -8.27 12.48
C GLU G 95 -11.93 -6.93 12.44
N GLU G 96 -12.28 -6.03 13.36
CA GLU G 96 -11.66 -4.71 13.42
C GLU G 96 -10.14 -4.68 13.58
N LEU G 97 -9.62 -5.38 14.58
CA LEU G 97 -8.16 -5.42 14.78
C LEU G 97 -7.52 -6.09 13.56
N ASN G 98 -8.16 -7.15 13.08
CA ASN G 98 -7.67 -7.86 11.92
C ASN G 98 -7.52 -6.87 10.77
N LYS G 99 -8.52 -6.01 10.60
CA LYS G 99 -8.46 -5.02 9.53
C LYS G 99 -7.28 -4.10 9.82
N LEU G 100 -7.26 -3.52 11.01
CA LEU G 100 -6.19 -2.59 11.41
C LEU G 100 -4.77 -3.12 11.27
N LEU G 101 -4.60 -4.44 11.34
CA LEU G 101 -3.28 -5.05 11.24
C LEU G 101 -3.23 -6.01 10.08
N GLY G 102 -4.13 -5.82 9.13
CA GLY G 102 -4.21 -6.69 7.97
C GLY G 102 -2.97 -6.75 7.09
N ARG G 103 -2.03 -5.83 7.26
CA ARG G 103 -0.83 -5.84 6.46
C ARG G 103 0.38 -6.00 7.37
N VAL G 104 0.11 -6.59 8.54
CA VAL G 104 1.09 -6.85 9.59
C VAL G 104 1.25 -8.35 9.76
N THR G 105 2.49 -8.79 9.99
CA THR G 105 2.80 -10.21 10.20
C THR G 105 3.39 -10.40 11.60
N ILE G 106 2.71 -11.19 12.42
CA ILE G 106 3.17 -11.45 13.77
C ILE G 106 4.16 -12.62 13.80
N ALA G 107 5.38 -12.34 14.22
CA ALA G 107 6.41 -13.39 14.28
C ALA G 107 5.99 -14.46 15.27
N GLN G 108 6.17 -15.72 14.90
CA GLN G 108 5.81 -16.83 15.77
C GLN G 108 4.31 -16.84 16.04
N GLY G 109 3.52 -16.57 15.02
CA GLY G 109 2.08 -16.53 15.22
C GLY G 109 1.27 -17.66 14.61
N GLY G 110 1.72 -18.22 13.51
CA GLY G 110 0.96 -19.28 12.87
C GLY G 110 -0.33 -18.76 12.23
N VAL G 111 -1.10 -19.65 11.62
CA VAL G 111 -2.33 -19.22 10.97
C VAL G 111 -3.55 -19.75 11.71
N LEU G 112 -4.72 -19.17 11.46
CA LEU G 112 -5.90 -19.66 12.15
C LEU G 112 -6.34 -21.00 11.57
N PRO G 113 -6.76 -21.92 12.44
CA PRO G 113 -7.21 -23.23 11.97
C PRO G 113 -8.28 -23.10 10.88
N ASN G 114 -7.93 -23.43 9.65
CA ASN G 114 -8.90 -23.33 8.58
C ASN G 114 -8.69 -24.33 7.44
N ILE G 115 -9.75 -25.06 7.12
CA ILE G 115 -9.72 -26.05 6.05
C ILE G 115 -10.97 -25.88 5.19
N GLN G 116 -10.78 -25.62 3.90
CA GLN G 116 -11.89 -25.45 2.97
C GLN G 116 -12.77 -26.69 3.01
N ALA G 117 -14.08 -26.49 3.03
CA ALA G 117 -14.99 -27.63 3.08
C ALA G 117 -14.84 -28.58 1.89
N VAL G 118 -14.55 -28.03 0.72
CA VAL G 118 -14.40 -28.87 -0.46
C VAL G 118 -13.33 -29.94 -0.24
N LEU G 119 -12.36 -29.63 0.61
CA LEU G 119 -11.26 -30.54 0.90
C LEU G 119 -11.65 -31.66 1.86
N LEU G 120 -12.76 -31.49 2.54
CA LEU G 120 -13.24 -32.48 3.49
C LEU G 120 -13.84 -33.73 2.84
N PRO G 121 -13.68 -34.89 3.49
CA PRO G 121 -14.20 -36.16 2.98
C PRO G 121 -15.73 -36.26 3.01
N LYS G 122 -16.28 -36.97 2.03
CA LYS G 122 -17.72 -37.19 1.84
C LYS G 122 -18.19 -36.61 0.51
N ARG H 37 20.59 3.26 27.93
CA ARG H 37 19.85 3.71 26.72
C ARG H 37 19.07 2.57 26.07
N LYS H 38 18.32 2.89 25.02
CA LYS H 38 17.48 1.93 24.29
C LYS H 38 16.24 1.61 25.13
N GLU H 39 15.21 2.43 24.93
CA GLU H 39 13.94 2.34 25.65
C GLU H 39 12.84 1.58 24.90
N SER H 40 11.64 1.58 25.48
CA SER H 40 10.48 0.91 24.89
C SER H 40 9.23 1.20 25.71
N TYR H 41 8.18 0.42 25.46
CA TYR H 41 6.92 0.57 26.17
C TYR H 41 6.69 -0.64 27.05
N SER H 42 7.66 -1.56 27.04
CA SER H 42 7.60 -2.80 27.84
C SER H 42 6.98 -2.56 29.21
N ILE H 43 7.53 -1.58 29.92
CA ILE H 43 7.05 -1.21 31.24
C ILE H 43 5.53 -1.04 31.25
N TYR H 44 5.06 -0.06 30.48
CA TYR H 44 3.65 0.24 30.40
C TYR H 44 2.79 -0.94 29.95
N VAL H 45 3.08 -1.49 28.77
CA VAL H 45 2.31 -2.62 28.26
C VAL H 45 1.95 -3.54 29.42
N TYR H 46 2.96 -3.89 30.21
CA TYR H 46 2.79 -4.76 31.36
C TYR H 46 1.81 -4.19 32.38
N LYS H 47 1.91 -2.88 32.65
CA LYS H 47 1.00 -2.26 33.61
C LYS H 47 -0.43 -2.40 33.14
N VAL H 48 -0.62 -2.29 31.84
CA VAL H 48 -1.95 -2.41 31.26
C VAL H 48 -2.39 -3.87 31.25
N LEU H 49 -1.44 -4.77 31.04
CA LEU H 49 -1.77 -6.18 31.02
C LEU H 49 -2.23 -6.60 32.41
N LYS H 50 -1.73 -5.89 33.42
CA LYS H 50 -2.10 -6.20 34.79
C LYS H 50 -3.49 -5.69 35.17
N GLN H 51 -3.92 -4.62 34.53
CA GLN H 51 -5.25 -4.05 34.80
C GLN H 51 -6.33 -4.95 34.25
N VAL H 52 -6.19 -5.35 32.99
CA VAL H 52 -7.18 -6.20 32.34
C VAL H 52 -7.12 -7.64 32.83
N HIS H 53 -5.91 -8.14 33.10
CA HIS H 53 -5.72 -9.52 33.58
C HIS H 53 -4.59 -9.57 34.60
N PRO H 54 -4.89 -9.28 35.88
CA PRO H 54 -3.84 -9.31 36.91
C PRO H 54 -3.14 -10.67 37.05
N ASP H 55 -3.86 -11.75 36.79
CA ASP H 55 -3.33 -13.12 36.90
C ASP H 55 -2.35 -13.56 35.81
N THR H 56 -2.55 -13.03 34.59
CA THR H 56 -1.70 -13.41 33.47
C THR H 56 -0.42 -12.59 33.30
N GLY H 57 0.53 -13.17 32.56
CA GLY H 57 1.80 -12.53 32.29
C GLY H 57 2.13 -12.73 30.82
N ILE H 58 2.99 -11.88 30.27
CA ILE H 58 3.34 -11.98 28.86
C ILE H 58 4.78 -12.40 28.57
N SER H 59 4.92 -13.27 27.57
CA SER H 59 6.22 -13.79 27.14
C SER H 59 7.21 -12.69 26.81
N SER H 60 8.37 -13.07 26.28
CA SER H 60 9.37 -12.08 25.91
C SER H 60 9.00 -11.64 24.51
N LYS H 61 8.95 -12.62 23.60
CA LYS H 61 8.61 -12.35 22.21
C LYS H 61 7.27 -11.64 22.13
N ALA H 62 6.27 -12.19 22.79
CA ALA H 62 4.94 -11.60 22.77
C ALA H 62 5.03 -10.15 23.20
N MET H 63 5.80 -9.89 24.26
CA MET H 63 5.98 -8.54 24.76
C MET H 63 6.73 -7.74 23.71
N GLY H 64 7.46 -8.45 22.86
CA GLY H 64 8.21 -7.80 21.80
C GLY H 64 7.27 -7.42 20.68
N ILE H 65 6.26 -8.26 20.44
CA ILE H 65 5.28 -7.98 19.42
C ILE H 65 4.57 -6.74 19.92
N MET H 66 3.91 -6.86 21.07
CA MET H 66 3.19 -5.72 21.65
C MET H 66 4.00 -4.43 21.55
N ASN H 67 5.30 -4.52 21.74
CA ASN H 67 6.15 -3.34 21.68
C ASN H 67 6.26 -2.82 20.24
N SER H 68 6.16 -3.71 19.26
CA SER H 68 6.23 -3.33 17.85
C SER H 68 4.91 -2.69 17.43
N PHE H 69 3.81 -3.22 17.97
CA PHE H 69 2.48 -2.72 17.67
C PHE H 69 2.34 -1.27 18.08
N VAL H 70 2.82 -0.97 19.28
CA VAL H 70 2.71 0.40 19.76
C VAL H 70 3.38 1.34 18.78
N ASN H 71 4.63 1.06 18.44
CA ASN H 71 5.36 1.91 17.52
C ASN H 71 4.68 2.13 16.18
N ASP H 72 4.24 1.07 15.53
CA ASP H 72 3.57 1.23 14.24
C ASP H 72 2.40 2.20 14.39
N ILE H 73 1.40 1.83 15.18
CA ILE H 73 0.24 2.69 15.39
C ILE H 73 0.69 4.11 15.65
N PHE H 74 1.60 4.28 16.60
CA PHE H 74 2.10 5.62 16.92
C PHE H 74 2.53 6.29 15.62
N GLU H 75 3.35 5.56 14.88
CA GLU H 75 3.87 6.03 13.60
C GLU H 75 2.78 6.45 12.64
N ARG H 76 1.70 5.68 12.57
CA ARG H 76 0.60 5.98 11.66
C ARG H 76 -0.19 7.20 12.10
N ILE H 77 -0.61 7.21 13.35
CA ILE H 77 -1.38 8.33 13.88
C ILE H 77 -0.60 9.62 13.65
N ALA H 78 0.67 9.61 14.05
CA ALA H 78 1.51 10.80 13.91
C ALA H 78 1.63 11.21 12.45
N GLY H 79 2.11 10.28 11.62
CA GLY H 79 2.26 10.56 10.21
C GLY H 79 1.00 11.18 9.63
N GLU H 80 -0.15 10.60 9.96
CA GLU H 80 -1.43 11.10 9.45
C GLU H 80 -1.68 12.50 9.97
N ALA H 81 -1.70 12.66 11.29
CA ALA H 81 -1.92 13.98 11.86
C ALA H 81 -0.96 14.93 11.18
N SER H 82 0.28 14.48 11.06
CA SER H 82 1.30 15.28 10.41
C SER H 82 0.76 15.86 9.07
N ARG H 83 0.19 15.01 8.22
CA ARG H 83 -0.34 15.45 6.93
C ARG H 83 -1.53 16.40 7.01
N LEU H 84 -2.51 16.10 7.86
CA LEU H 84 -3.67 16.97 7.98
C LEU H 84 -3.19 18.39 8.25
N ALA H 85 -2.23 18.50 9.17
CA ALA H 85 -1.67 19.79 9.52
C ALA H 85 -1.12 20.46 8.27
N HIS H 86 -0.38 19.71 7.47
CA HIS H 86 0.20 20.26 6.26
C HIS H 86 -0.84 20.70 5.24
N TYR H 87 -1.78 19.80 4.92
CA TYR H 87 -2.82 20.11 3.96
C TYR H 87 -3.48 21.43 4.32
N ASN H 88 -3.67 21.63 5.62
CA ASN H 88 -4.31 22.84 6.11
C ASN H 88 -3.35 24.00 6.43
N LYS H 89 -2.18 24.00 5.84
CA LYS H 89 -1.22 25.08 6.06
C LYS H 89 -1.18 25.52 7.53
N ARG H 90 -0.90 24.60 8.43
CA ARG H 90 -0.80 24.92 9.85
C ARG H 90 0.47 24.24 10.33
N SER H 91 1.27 24.96 11.10
CA SER H 91 2.53 24.41 11.58
C SER H 91 2.50 23.81 12.97
N THR H 92 1.34 23.40 13.44
CA THR H 92 1.26 22.78 14.76
C THR H 92 0.27 21.63 14.84
N ILE H 93 0.75 20.46 15.26
CA ILE H 93 -0.08 19.28 15.41
C ILE H 93 -0.83 19.34 16.75
N THR H 94 -2.12 19.65 16.68
CA THR H 94 -2.95 19.76 17.88
C THR H 94 -3.58 18.40 18.17
N SER H 95 -4.33 18.29 19.26
CA SER H 95 -4.97 17.03 19.59
C SER H 95 -6.13 16.79 18.64
N ARG H 96 -6.63 17.87 18.04
CA ARG H 96 -7.74 17.78 17.10
C ARG H 96 -7.25 17.01 15.88
N GLU H 97 -5.96 17.17 15.58
CA GLU H 97 -5.35 16.47 14.46
C GLU H 97 -5.27 15.00 14.81
N ILE H 98 -4.70 14.69 15.97
CA ILE H 98 -4.61 13.30 16.40
C ILE H 98 -5.99 12.64 16.25
N GLN H 99 -7.04 13.35 16.63
CA GLN H 99 -8.40 12.80 16.55
C GLN H 99 -8.84 12.51 15.12
N THR H 100 -8.88 13.55 14.29
CA THR H 100 -9.28 13.35 12.89
C THR H 100 -8.45 12.23 12.30
N ALA H 101 -7.17 12.21 12.64
CA ALA H 101 -6.25 11.18 12.16
C ALA H 101 -6.73 9.81 12.61
N VAL H 102 -7.33 9.75 13.79
CA VAL H 102 -7.84 8.49 14.32
C VAL H 102 -9.08 8.01 13.58
N ARG H 103 -9.98 8.92 13.22
CA ARG H 103 -11.20 8.53 12.51
C ARG H 103 -10.86 7.99 11.13
N LEU H 104 -9.80 8.53 10.52
CA LEU H 104 -9.37 8.08 9.19
C LEU H 104 -8.64 6.77 9.31
N LEU H 105 -7.83 6.66 10.35
CA LEU H 105 -6.98 5.51 10.61
C LEU H 105 -7.61 4.26 11.20
N LEU H 106 -8.48 4.41 12.18
CA LEU H 106 -9.09 3.23 12.79
C LEU H 106 -10.48 2.86 12.28
N PRO H 107 -10.73 1.56 12.15
CA PRO H 107 -11.99 0.98 11.67
C PRO H 107 -13.15 1.09 12.66
N GLY H 108 -14.36 0.86 12.15
CA GLY H 108 -15.58 0.92 12.92
C GLY H 108 -15.51 1.28 14.39
N GLU H 109 -15.90 0.33 15.24
CA GLU H 109 -15.90 0.53 16.69
C GLU H 109 -14.58 1.02 17.28
N LEU H 110 -13.47 0.35 17.00
CA LEU H 110 -12.18 0.75 17.54
C LEU H 110 -12.05 2.26 17.48
N ALA H 111 -12.43 2.83 16.34
CA ALA H 111 -12.37 4.28 16.12
C ALA H 111 -13.13 5.05 17.18
N LYS H 112 -14.40 4.73 17.37
CA LYS H 112 -15.21 5.41 18.38
C LYS H 112 -14.55 5.38 19.75
N HIS H 113 -14.39 4.19 20.32
CA HIS H 113 -13.79 4.04 21.64
C HIS H 113 -12.43 4.72 21.70
N ALA H 114 -11.64 4.55 20.64
CA ALA H 114 -10.34 5.18 20.61
C ALA H 114 -10.49 6.69 20.74
N VAL H 115 -11.52 7.27 20.13
CA VAL H 115 -11.73 8.72 20.20
C VAL H 115 -12.13 9.16 21.60
N SER H 116 -13.02 8.40 22.21
CA SER H 116 -13.47 8.72 23.56
C SER H 116 -12.28 8.79 24.51
N GLU H 117 -11.66 7.64 24.76
CA GLU H 117 -10.50 7.56 25.64
C GLU H 117 -9.56 8.72 25.37
N GLY H 118 -9.42 9.06 24.09
CA GLY H 118 -8.57 10.16 23.71
C GLY H 118 -9.13 11.47 24.22
N THR H 119 -10.42 11.67 24.01
CA THR H 119 -11.08 12.90 24.45
C THR H 119 -11.26 12.87 25.97
N LYS H 120 -11.46 11.67 26.51
CA LYS H 120 -11.64 11.46 27.94
C LYS H 120 -10.34 11.72 28.71
N ALA H 121 -9.21 11.33 28.13
CA ALA H 121 -7.93 11.55 28.79
C ALA H 121 -7.55 13.01 28.78
N VAL H 122 -7.91 13.72 27.71
CA VAL H 122 -7.57 15.13 27.58
C VAL H 122 -8.30 15.99 28.59
N THR H 123 -9.60 15.75 28.78
CA THR H 123 -10.36 16.53 29.73
C THR H 123 -9.72 16.43 31.13
N LYS H 124 -9.43 15.22 31.59
CA LYS H 124 -8.80 15.03 32.90
C LYS H 124 -7.45 15.74 33.04
N TYR H 125 -6.72 15.88 31.93
CA TYR H 125 -5.42 16.56 31.97
C TYR H 125 -5.62 18.04 32.20
N THR H 126 -6.65 18.60 31.58
CA THR H 126 -6.94 20.02 31.70
C THR H 126 -7.66 20.40 33.00
N SER H 127 -8.43 19.47 33.55
CA SER H 127 -9.16 19.71 34.80
C SER H 127 -8.18 20.04 35.92
N ALA H 128 -7.26 19.12 36.17
CA ALA H 128 -6.25 19.31 37.21
C ALA H 128 -5.14 18.29 37.01
MN MN K . -30.05 9.50 2.39
#